data_1SGF
#
_entry.id   1SGF
#
_cell.length_a   95.680
_cell.length_b   96.590
_cell.length_c   147.000
_cell.angle_alpha   90.00
_cell.angle_beta   90.00
_cell.angle_gamma   90.00
#
_symmetry.space_group_name_H-M   'P 21 21 21'
#
loop_
_entity.id
_entity.type
_entity.pdbx_description
1 polymer 'NERVE GROWTH FACTOR'
2 polymer 'NERVE GROWTH FACTOR'
3 polymer 'NERVE GROWTH FACTOR'
4 branched 2-acetamido-2-deoxy-beta-D-glucopyranose-(1-4)-2-acetamido-2-deoxy-beta-D-glucopyranose
5 non-polymer 2-acetamido-2-deoxy-beta-D-glucopyranose
6 non-polymer 'ZINC ION'
#
loop_
_entity_poly.entity_id
_entity_poly.type
_entity_poly.pdbx_seq_one_letter_code
_entity_poly.pdbx_strand_id
1 'polypeptide(L)'
;AAPPVQSQVDCENSQPWHVAVYRFNKYQCGGVLLDRNWVLTAAHCYNDKYQVWLGKNNFLEDEPSDQHRLVSKAIPHPDF
NMSLLNEHTPQPEDDYSNDLMLLRLSKPADITDVVKPITLPTEEPKLGSTCLASGWGSTTPIKFKYPDDLQCVNLKLLPN
EDCDKAHEMKVTDAMLCAGEMDGGSYTCEHDSGGPLICDGILQGITSWGPEPCGEPTEPSVYTKLIKFSSWIRETMANNP
;
A,X
2 'polypeptide(L)'
;SSTHPVFHMGEFSVCDSVSVWVGDKTTATDIKGKEVTVLAEVNINNSVFRQYFFETKCRASNPVESGCRGIDSKHWNSYC
TTTHTFVKALTTDEKQAAWRFIRIDTACVCVLSRKATR
;
B,Y
3 'polypeptide(L)'
;IVGGFKCEKNSQPWHVAVYRYTQYLCGGVLLDPNWVLTAAHCYDDNYKVWLGKNNLFKDEPSAQHRFVSKAIPHPGFNMS
LMRKHIRFLEYDYSNDLMLLRLSKPADITDTVKPITLPTEEPKLGSTCLASGWGSITPTKFQFTDDLYCVNLKLLPNEDC
AKAHIEKVTDAMLCAGEMDGGKDTCKGDSGGPLICDGVLQGITSWGHTPCGEPDMPGVYTKLNKFTSWIKDTMAKNP
;
G,Z
#
# COMPACT_ATOMS: atom_id res chain seq x y z
N ASN A 13 -15.41 -9.20 22.17
CA ASN A 13 -15.75 -10.10 23.32
C ASN A 13 -16.33 -11.43 22.80
N SER A 14 -16.71 -11.45 21.52
CA SER A 14 -17.39 -12.57 20.86
C SER A 14 -17.05 -14.08 20.88
N GLN A 15 -16.20 -14.55 19.97
CA GLN A 15 -15.89 -15.99 19.87
C GLN A 15 -14.43 -16.32 20.18
N PRO A 16 -14.08 -16.46 21.47
CA PRO A 16 -12.73 -16.77 21.99
C PRO A 16 -12.17 -18.16 21.73
N TRP A 17 -13.02 -19.11 21.39
CA TRP A 17 -12.54 -20.46 21.14
C TRP A 17 -11.97 -20.61 19.75
N HIS A 18 -12.35 -19.72 18.84
CA HIS A 18 -11.88 -19.79 17.48
C HIS A 18 -10.36 -19.73 17.37
N VAL A 19 -9.82 -20.50 16.44
CA VAL A 19 -8.38 -20.50 16.22
C VAL A 19 -8.14 -20.60 14.72
N ALA A 20 -6.97 -20.15 14.28
CA ALA A 20 -6.60 -20.20 12.87
C ALA A 20 -5.49 -21.20 12.76
N VAL A 21 -5.63 -22.15 11.85
CA VAL A 21 -4.63 -23.16 11.69
C VAL A 21 -3.85 -22.80 10.45
N TYR A 22 -2.71 -22.13 10.61
CA TYR A 22 -1.89 -21.79 9.45
C TYR A 22 -1.27 -23.06 8.90
N ARG A 23 -1.88 -23.57 7.84
CA ARG A 23 -1.45 -24.78 7.14
C ARG A 23 -0.36 -24.46 6.11
N PHE A 24 0.47 -23.47 6.40
CA PHE A 24 1.54 -23.10 5.48
C PHE A 24 1.14 -22.87 4.00
N ASN A 25 1.60 -23.69 3.07
CA ASN A 25 1.26 -23.51 1.66
C ASN A 25 -0.20 -23.80 1.25
N LYS A 26 -1.01 -24.36 2.13
CA LYS A 26 -2.42 -24.67 1.81
C LYS A 26 -3.39 -23.75 2.53
N TYR A 27 -4.66 -23.80 2.14
CA TYR A 27 -5.63 -22.90 2.75
C TYR A 27 -5.83 -22.98 4.24
N GLN A 28 -5.75 -21.80 4.83
CA GLN A 28 -5.89 -21.50 6.24
C GLN A 28 -7.25 -21.99 6.78
N CYS A 29 -7.23 -22.99 7.67
CA CYS A 29 -8.47 -23.53 8.26
C CYS A 29 -8.75 -22.91 9.63
N GLY A 30 -9.94 -23.16 10.15
CA GLY A 30 -10.28 -22.64 11.47
C GLY A 30 -10.30 -23.80 12.46
N GLY A 31 -10.65 -23.53 13.71
CA GLY A 31 -10.69 -24.59 14.69
C GLY A 31 -11.28 -24.14 16.02
N VAL A 32 -11.53 -25.08 16.91
CA VAL A 32 -12.09 -24.77 18.23
C VAL A 32 -11.10 -25.22 19.30
N LEU A 33 -10.95 -24.43 20.35
CA LEU A 33 -10.05 -24.80 21.43
C LEU A 33 -10.96 -25.55 22.40
N LEU A 34 -10.56 -26.75 22.82
CA LEU A 34 -11.39 -27.54 23.72
C LEU A 34 -10.80 -27.66 25.11
N ASP A 35 -9.49 -27.52 25.17
CA ASP A 35 -8.72 -27.68 26.40
C ASP A 35 -7.57 -26.69 26.25
N ARG A 36 -6.74 -26.54 27.28
CA ARG A 36 -5.60 -25.62 27.16
C ARG A 36 -4.53 -26.22 26.25
N ASN A 37 -4.60 -27.54 26.08
CA ASN A 37 -3.66 -28.31 25.26
C ASN A 37 -4.23 -28.80 23.92
N TRP A 38 -5.54 -28.90 23.80
CA TRP A 38 -6.14 -29.42 22.57
C TRP A 38 -6.91 -28.48 21.67
N VAL A 39 -6.71 -28.63 20.36
CA VAL A 39 -7.38 -27.84 19.35
C VAL A 39 -8.06 -28.85 18.44
N LEU A 40 -9.30 -28.58 18.05
CA LEU A 40 -10.08 -29.49 17.22
C LEU A 40 -10.43 -28.85 15.87
N THR A 41 -9.94 -29.41 14.77
CA THR A 41 -10.22 -28.89 13.44
C THR A 41 -10.78 -30.02 12.55
N ALA A 42 -10.78 -29.84 11.22
CA ALA A 42 -11.29 -30.85 10.30
C ALA A 42 -10.19 -31.74 9.71
N ALA A 43 -10.51 -33.00 9.45
CA ALA A 43 -9.52 -33.93 8.91
C ALA A 43 -9.04 -33.53 7.53
N HIS A 44 -9.91 -32.93 6.73
CA HIS A 44 -9.48 -32.55 5.39
C HIS A 44 -8.51 -31.36 5.39
N CYS A 45 -8.25 -30.81 6.57
CA CYS A 45 -7.32 -29.69 6.71
C CYS A 45 -5.94 -30.22 7.04
N TYR A 46 -5.82 -31.55 6.98
CA TYR A 46 -4.57 -32.25 7.26
C TYR A 46 -3.40 -31.83 6.39
N ASN A 47 -2.26 -31.60 7.01
CA ASN A 47 -1.03 -31.26 6.31
C ASN A 47 0.14 -31.77 7.13
N ASP A 48 1.36 -31.57 6.64
CA ASP A 48 2.53 -32.03 7.38
C ASP A 48 2.87 -31.03 8.48
N LYS A 49 3.00 -29.77 8.10
CA LYS A 49 3.32 -28.71 9.05
C LYS A 49 2.05 -27.96 9.45
N TYR A 50 2.04 -27.43 10.67
CA TYR A 50 0.90 -26.66 11.17
C TYR A 50 1.44 -25.59 12.10
N GLN A 51 0.66 -24.55 12.26
CA GLN A 51 0.98 -23.47 13.18
C GLN A 51 -0.39 -23.04 13.62
N VAL A 52 -0.60 -22.96 14.93
CA VAL A 52 -1.88 -22.57 15.48
C VAL A 52 -1.85 -21.17 16.10
N TRP A 53 -2.67 -20.27 15.55
CA TRP A 53 -2.76 -18.89 16.03
C TRP A 53 -4.05 -18.68 16.83
N LEU A 54 -3.94 -18.50 18.14
CA LEU A 54 -5.11 -18.28 19.01
C LEU A 54 -5.24 -16.82 19.39
N GLY A 55 -6.46 -16.35 19.62
CA GLY A 55 -6.64 -14.97 20.02
C GLY A 55 -7.40 -14.06 19.07
N LYS A 56 -7.22 -12.76 19.25
CA LYS A 56 -7.89 -11.77 18.43
C LYS A 56 -7.54 -11.95 16.94
N GLU A 61 -0.12 -11.22 15.20
CA GLU A 61 1.19 -10.53 15.40
C GLU A 61 1.75 -10.30 14.04
N GLU A 63 1.89 -8.33 17.85
CA GLU A 63 0.80 -7.48 18.54
C GLU A 63 0.02 -8.25 19.61
N PRO A 64 0.67 -8.59 20.73
CA PRO A 64 0.15 -9.33 21.89
C PRO A 64 -1.13 -9.08 22.68
N SER A 65 -2.10 -9.92 22.34
CA SER A 65 -3.43 -10.13 22.90
C SER A 65 -3.62 -11.55 22.32
N ASP A 66 -2.87 -11.77 21.23
CA ASP A 66 -2.72 -12.98 20.42
C ASP A 66 -1.86 -14.01 21.12
N GLN A 67 -1.75 -15.16 20.45
CA GLN A 67 -0.97 -16.30 20.92
C GLN A 67 -0.73 -17.27 19.76
N HIS A 68 0.48 -17.79 19.64
CA HIS A 68 0.74 -18.75 18.58
C HIS A 68 1.54 -19.90 19.13
N ARG A 69 1.08 -21.12 18.89
CA ARG A 69 1.76 -22.32 19.36
C ARG A 69 2.05 -23.26 18.17
N LEU A 70 3.06 -24.11 18.29
CA LEU A 70 3.34 -25.04 17.21
C LEU A 70 2.66 -26.33 17.62
N VAL A 71 2.26 -27.18 16.68
CA VAL A 71 1.60 -28.43 17.02
C VAL A 71 2.57 -29.60 17.13
N SER A 72 2.43 -30.42 18.17
CA SER A 72 3.32 -31.56 18.38
C SER A 72 2.74 -32.91 17.97
N LYS A 73 1.42 -32.98 17.79
CA LYS A 73 0.75 -34.22 17.42
C LYS A 73 -0.47 -33.98 16.54
N ALA A 74 -0.55 -34.68 15.43
CA ALA A 74 -1.70 -34.55 14.52
C ALA A 74 -2.44 -35.88 14.55
N ILE A 75 -3.75 -35.85 14.75
CA ILE A 75 -4.48 -37.10 14.84
C ILE A 75 -5.83 -37.07 14.15
N PRO A 76 -5.90 -37.53 12.90
CA PRO A 76 -7.18 -37.53 12.17
C PRO A 76 -8.00 -38.73 12.60
N HIS A 77 -9.27 -38.74 12.27
CA HIS A 77 -10.09 -39.88 12.61
C HIS A 77 -9.63 -40.96 11.62
N PRO A 78 -9.53 -42.21 12.06
CA PRO A 78 -9.08 -43.27 11.15
C PRO A 78 -10.09 -43.51 10.04
N ASP A 79 -11.35 -43.50 10.43
CA ASP A 79 -12.47 -43.73 9.53
C ASP A 79 -12.76 -42.62 8.52
N PHE A 80 -11.73 -41.99 7.98
CA PHE A 80 -11.89 -40.91 7.01
C PHE A 80 -11.18 -41.34 5.73
N ASN A 81 -11.60 -40.80 4.58
CA ASN A 81 -10.95 -41.17 3.34
C ASN A 81 -9.89 -40.14 3.06
N MET A 82 -8.62 -40.53 3.16
CA MET A 82 -7.53 -39.61 2.92
C MET A 82 -7.29 -39.29 1.45
N SER A 83 -8.00 -40.00 0.57
CA SER A 83 -7.82 -39.75 -0.85
C SER A 83 -8.49 -38.43 -1.25
N LEU A 84 -9.35 -37.93 -0.36
CA LEU A 84 -10.08 -36.68 -0.58
C LEU A 84 -9.22 -35.42 -0.50
N LEU A 85 -7.98 -35.57 -0.05
CA LEU A 85 -7.04 -34.45 0.06
C LEU A 85 -6.40 -34.12 -1.29
N PRO A 90 -13.83 -32.37 -7.80
CA PRO A 90 -14.84 -32.47 -6.71
C PRO A 90 -16.06 -33.28 -7.22
N GLN A 91 -16.40 -34.38 -6.55
CA GLN A 91 -17.54 -35.19 -7.00
C GLN A 91 -18.59 -35.44 -5.91
N PRO A 92 -19.89 -35.55 -6.31
CA PRO A 92 -21.06 -35.77 -5.43
C PRO A 92 -21.27 -37.14 -4.79
N GLU A 93 -20.32 -38.06 -4.93
CA GLU A 93 -20.46 -39.39 -4.33
C GLU A 93 -19.30 -39.53 -3.32
N ASP A 94 -18.79 -38.38 -2.86
CA ASP A 94 -17.68 -38.38 -1.92
C ASP A 94 -18.22 -38.31 -0.51
N ASP A 95 -17.77 -39.24 0.31
CA ASP A 95 -18.20 -39.32 1.69
C ASP A 95 -17.19 -38.62 2.59
N TYR A 96 -17.59 -37.49 3.14
CA TYR A 96 -16.71 -36.74 4.02
C TYR A 96 -16.98 -37.17 5.46
N SER A 97 -17.73 -38.26 5.59
CA SER A 97 -18.07 -38.78 6.91
C SER A 97 -16.84 -38.95 7.77
N ASN A 98 -16.97 -38.58 9.04
CA ASN A 98 -15.90 -38.72 10.00
C ASN A 98 -14.79 -37.71 9.73
N ASP A 99 -15.21 -36.50 9.34
CA ASP A 99 -14.28 -35.41 9.05
C ASP A 99 -13.95 -34.72 10.38
N LEU A 100 -12.94 -35.22 11.08
CA LEU A 100 -12.60 -34.66 12.38
C LEU A 100 -11.13 -34.86 12.71
N MET A 101 -10.51 -33.89 13.38
CA MET A 101 -9.10 -34.04 13.74
C MET A 101 -8.73 -33.29 15.01
N LEU A 102 -7.87 -33.89 15.81
CA LEU A 102 -7.40 -33.30 17.06
C LEU A 102 -5.93 -32.97 16.90
N LEU A 103 -5.58 -31.73 17.19
CA LEU A 103 -4.22 -31.23 17.09
C LEU A 103 -3.79 -30.92 18.52
N ARG A 104 -2.60 -31.39 18.91
CA ARG A 104 -2.11 -31.11 20.26
C ARG A 104 -0.99 -30.08 20.21
N LEU A 105 -1.13 -29.01 20.98
CA LEU A 105 -0.15 -27.92 21.04
C LEU A 105 1.14 -28.30 21.79
N SER A 106 2.27 -27.76 21.35
CA SER A 106 3.55 -28.09 22.00
C SER A 106 3.69 -27.47 23.40
N LYS A 107 3.03 -26.35 23.62
CA LYS A 107 3.03 -25.65 24.90
C LYS A 107 1.57 -25.29 25.08
N PRO A 108 1.05 -25.32 26.31
CA PRO A 108 -0.35 -24.98 26.58
C PRO A 108 -0.75 -23.55 26.22
N ALA A 109 -2.00 -23.35 25.84
CA ALA A 109 -2.48 -22.01 25.50
C ALA A 109 -2.77 -21.30 26.82
N ASP A 110 -2.57 -19.99 26.86
CA ASP A 110 -2.83 -19.23 28.07
C ASP A 110 -4.26 -18.75 28.05
N ILE A 111 -5.00 -18.94 29.14
CA ILE A 111 -6.36 -18.45 29.19
C ILE A 111 -6.28 -16.94 29.47
N THR A 112 -6.93 -16.14 28.63
CA THR A 112 -6.94 -14.68 28.77
C THR A 112 -8.37 -14.23 28.55
N ASP A 113 -8.59 -12.93 28.36
CA ASP A 113 -9.96 -12.48 28.12
C ASP A 113 -10.29 -12.57 26.62
N VAL A 114 -9.39 -13.17 25.86
CA VAL A 114 -9.59 -13.29 24.43
C VAL A 114 -9.44 -14.73 23.96
N VAL A 115 -8.90 -15.59 24.83
CA VAL A 115 -8.70 -16.99 24.52
C VAL A 115 -9.37 -17.83 25.59
N LYS A 116 -10.38 -18.60 25.22
CA LYS A 116 -11.10 -19.47 26.16
C LYS A 116 -11.44 -20.78 25.47
N PRO A 117 -11.51 -21.87 26.23
CA PRO A 117 -11.84 -23.14 25.58
C PRO A 117 -13.35 -23.24 25.49
N ILE A 118 -13.85 -24.34 24.94
CA ILE A 118 -15.30 -24.55 24.86
C ILE A 118 -15.62 -26.05 25.04
N THR A 119 -16.71 -26.30 25.74
CA THR A 119 -17.17 -27.64 26.06
C THR A 119 -17.84 -28.44 24.94
N LEU A 120 -17.61 -29.76 24.92
CA LEU A 120 -18.23 -30.66 23.94
C LEU A 120 -19.75 -30.70 24.21
N PRO A 121 -20.56 -31.02 23.19
CA PRO A 121 -22.01 -31.06 23.39
C PRO A 121 -22.50 -32.07 24.44
N THR A 122 -23.68 -31.81 25.00
CA THR A 122 -24.28 -32.70 25.98
C THR A 122 -25.62 -33.16 25.43
N GLU A 123 -26.48 -32.18 25.14
CA GLU A 123 -27.80 -32.43 24.60
C GLU A 123 -27.81 -32.48 23.07
N GLU A 124 -28.84 -33.11 22.52
CA GLU A 124 -29.02 -33.24 21.07
C GLU A 124 -29.47 -31.90 20.49
N PRO A 125 -29.03 -31.58 19.25
CA PRO A 125 -29.42 -30.33 18.60
C PRO A 125 -30.86 -30.41 18.10
N LYS A 126 -31.62 -29.35 18.30
CA LYS A 126 -33.02 -29.33 17.85
C LYS A 126 -33.10 -28.71 16.45
N LEU A 127 -33.82 -29.35 15.54
CA LEU A 127 -33.96 -28.80 14.21
C LEU A 127 -34.69 -27.48 14.35
N GLY A 128 -34.30 -26.48 13.56
CA GLY A 128 -34.93 -25.18 13.64
C GLY A 128 -34.28 -24.25 14.64
N SER A 129 -33.13 -24.65 15.17
CA SER A 129 -32.41 -23.84 16.14
C SER A 129 -31.59 -22.78 15.44
N THR A 130 -31.19 -21.74 16.18
CA THR A 130 -30.39 -20.69 15.58
C THR A 130 -28.93 -20.99 15.85
N CYS A 131 -28.13 -21.02 14.80
CA CYS A 131 -26.70 -21.31 14.93
C CYS A 131 -25.83 -20.18 14.43
N LEU A 132 -24.65 -20.09 15.01
CA LEU A 132 -23.66 -19.08 14.64
C LEU A 132 -22.56 -19.79 13.86
N ALA A 133 -21.90 -19.07 12.98
CA ALA A 133 -20.79 -19.62 12.22
C ALA A 133 -19.76 -18.50 12.11
N SER A 134 -18.50 -18.83 12.32
CA SER A 134 -17.44 -17.82 12.28
C SER A 134 -17.21 -17.28 10.89
N ILE A 142 -11.27 -13.13 -2.14
CA ILE A 142 -11.81 -14.31 -2.88
C ILE A 142 -10.59 -15.06 -3.39
N CYS A 152 -19.18 -14.10 12.13
CA CYS A 152 -20.39 -14.54 12.87
C CYS A 152 -21.60 -14.32 11.98
N VAL A 153 -22.26 -15.41 11.59
CA VAL A 153 -23.45 -15.27 10.76
C VAL A 153 -24.62 -16.05 11.35
N ASN A 154 -25.83 -15.51 11.19
CA ASN A 154 -27.03 -16.13 11.74
C ASN A 154 -27.59 -17.22 10.84
N LEU A 155 -27.31 -18.47 11.20
CA LEU A 155 -27.79 -19.64 10.46
C LEU A 155 -28.94 -20.31 11.19
N LYS A 156 -29.58 -21.25 10.51
CA LYS A 156 -30.68 -22.02 11.09
C LYS A 156 -30.39 -23.49 10.78
N LEU A 157 -30.54 -24.35 11.77
CA LEU A 157 -30.28 -25.79 11.58
C LEU A 157 -31.43 -26.44 10.83
N LEU A 158 -31.21 -26.72 9.54
CA LEU A 158 -32.21 -27.32 8.66
C LEU A 158 -32.14 -28.83 8.63
N PRO A 159 -33.20 -29.48 8.14
CA PRO A 159 -33.22 -30.95 8.05
C PRO A 159 -32.20 -31.39 7.00
N ASN A 160 -31.50 -32.48 7.27
CA ASN A 160 -30.47 -32.97 6.35
C ASN A 160 -30.83 -33.07 4.86
N GLU A 161 -32.12 -33.13 4.56
CA GLU A 161 -32.58 -33.25 3.18
C GLU A 161 -32.30 -32.01 2.36
N ASP A 162 -32.41 -30.86 3.00
CA ASP A 162 -32.16 -29.61 2.32
C ASP A 162 -30.74 -29.54 1.81
N CYS A 163 -29.88 -30.41 2.34
CA CYS A 163 -28.48 -30.47 1.91
C CYS A 163 -28.32 -31.48 0.78
N ASP A 164 -29.03 -32.59 0.93
CA ASP A 164 -29.03 -33.71 -0.02
C ASP A 164 -29.43 -33.27 -1.42
N LYS A 165 -30.41 -32.38 -1.46
CA LYS A 165 -30.94 -31.86 -2.70
C LYS A 165 -29.98 -30.94 -3.48
N ALA A 166 -28.84 -30.58 -2.90
CA ALA A 166 -27.88 -29.69 -3.56
C ALA A 166 -26.66 -30.47 -4.03
N HIS A 167 -26.90 -31.65 -4.58
CA HIS A 167 -25.86 -32.57 -5.04
C HIS A 167 -24.40 -32.13 -5.10
N GLU A 168 -23.85 -31.75 -3.94
CA GLU A 168 -22.46 -31.30 -3.85
C GLU A 168 -21.59 -32.43 -3.29
N MET A 169 -22.06 -33.04 -2.21
CA MET A 169 -21.36 -34.16 -1.59
C MET A 169 -22.40 -35.07 -0.96
N LYS A 170 -21.94 -36.15 -0.35
CA LYS A 170 -22.82 -37.11 0.28
C LYS A 170 -23.18 -36.68 1.69
N VAL A 171 -24.46 -36.67 2.01
CA VAL A 171 -24.93 -36.28 3.34
C VAL A 171 -25.40 -37.49 4.13
N THR A 172 -24.83 -37.70 5.31
CA THR A 172 -25.17 -38.86 6.13
C THR A 172 -25.65 -38.45 7.50
N ASP A 173 -26.19 -39.42 8.23
CA ASP A 173 -26.66 -39.20 9.60
C ASP A 173 -25.57 -38.64 10.54
N ALA A 174 -24.30 -38.77 10.16
CA ALA A 174 -23.19 -38.27 10.97
C ALA A 174 -22.79 -36.83 10.63
N MET A 175 -23.71 -36.11 9.98
CA MET A 175 -23.50 -34.73 9.59
C MET A 175 -24.73 -33.92 9.92
N LEU A 176 -24.56 -32.60 10.00
CA LEU A 176 -25.66 -31.67 10.28
C LEU A 176 -25.76 -30.76 9.07
N CYS A 177 -26.86 -30.04 8.95
CA CYS A 177 -27.06 -29.16 7.80
C CYS A 177 -27.52 -27.82 8.33
N ALA A 178 -26.79 -26.76 8.00
CA ALA A 178 -27.15 -25.42 8.45
C ALA A 178 -27.21 -24.48 7.28
N GLY A 179 -28.14 -23.55 7.33
CA GLY A 179 -28.29 -22.58 6.25
C GLY A 179 -28.65 -21.21 6.77
N GLU A 180 -28.09 -20.19 6.15
CA GLU A 180 -28.36 -18.81 6.52
C GLU A 180 -29.72 -18.61 5.89
N MET A 181 -30.68 -18.02 6.60
CA MET A 181 -31.98 -17.92 5.96
C MET A 181 -32.90 -16.70 6.01
N ASP A 182 -33.70 -16.67 4.95
CA ASP A 182 -34.75 -15.71 4.61
C ASP A 182 -34.64 -14.20 4.75
N GLY A 183 -33.60 -13.64 4.15
CA GLY A 183 -33.42 -12.18 4.15
C GLY A 183 -33.51 -11.73 2.71
N GLY A 184 -32.77 -10.68 2.37
CA GLY A 184 -32.76 -10.20 0.99
C GLY A 184 -31.38 -10.45 0.40
N SER A 185 -30.36 -10.19 1.20
CA SER A 185 -28.97 -10.40 0.81
C SER A 185 -28.37 -11.45 1.75
N TYR A 186 -27.43 -12.25 1.24
CA TYR A 186 -26.79 -13.31 2.02
C TYR A 186 -25.29 -13.03 2.12
N THR A 187 -24.58 -13.69 3.05
CA THR A 187 -23.14 -13.47 3.20
C THR A 187 -22.28 -14.56 2.59
N CYS A 188 -21.00 -14.29 2.39
CA CYS A 188 -20.10 -15.27 1.78
C CYS A 188 -18.96 -15.68 2.73
N GLU A 189 -19.18 -16.74 3.51
CA GLU A 189 -18.16 -17.24 4.45
C GLU A 189 -18.09 -18.76 4.40
N HIS A 190 -16.92 -19.31 4.63
CA HIS A 190 -16.75 -20.76 4.74
C HIS A 190 -15.41 -21.01 5.40
N ASP A 191 -15.49 -21.31 6.70
CA ASP A 191 -14.35 -21.55 7.55
C ASP A 191 -14.22 -23.03 7.88
N SER A 192 -13.45 -23.74 7.06
CA SER A 192 -13.23 -25.18 7.26
C SER A 192 -12.65 -25.46 8.64
N GLY A 193 -13.34 -26.29 9.40
CA GLY A 193 -12.88 -26.63 10.74
C GLY A 193 -13.45 -25.67 11.76
N GLY A 194 -14.17 -24.65 11.29
CA GLY A 194 -14.75 -23.70 12.19
C GLY A 194 -15.92 -24.25 12.99
N PRO A 195 -16.20 -23.68 14.17
CA PRO A 195 -17.29 -24.10 15.04
C PRO A 195 -18.67 -23.69 14.57
N LEU A 196 -19.67 -24.50 14.89
CA LEU A 196 -21.05 -24.19 14.59
C LEU A 196 -21.59 -24.20 15.99
N ILE A 197 -21.95 -23.05 16.51
CA ILE A 197 -22.48 -23.02 17.84
C ILE A 197 -23.96 -22.71 17.83
N CYS A 198 -24.76 -23.72 18.16
CA CYS A 198 -26.19 -23.56 18.21
C CYS A 198 -26.63 -23.38 19.67
N ASP A 199 -27.43 -22.34 19.88
CA ASP A 199 -27.96 -21.95 21.18
C ASP A 199 -26.99 -22.02 22.36
N GLY A 200 -25.82 -21.44 22.14
CA GLY A 200 -24.80 -21.38 23.17
C GLY A 200 -23.85 -22.56 23.25
N ILE A 201 -24.22 -23.69 22.67
CA ILE A 201 -23.37 -24.88 22.74
C ILE A 201 -22.76 -25.32 21.42
N LEU A 202 -21.55 -25.86 21.48
CA LEU A 202 -20.83 -26.33 20.30
C LEU A 202 -21.58 -27.52 19.76
N GLN A 203 -22.02 -27.47 18.51
CA GLN A 203 -22.77 -28.59 17.94
C GLN A 203 -22.18 -29.21 16.68
N GLY A 204 -21.29 -28.47 16.03
CA GLY A 204 -20.71 -28.99 14.82
C GLY A 204 -19.39 -28.36 14.46
N ILE A 205 -18.81 -28.86 13.39
CA ILE A 205 -17.55 -28.37 12.89
C ILE A 205 -17.68 -28.39 11.38
N THR A 206 -17.48 -27.23 10.78
CA THR A 206 -17.58 -27.08 9.34
C THR A 206 -16.78 -28.10 8.54
N SER A 207 -17.47 -28.88 7.72
CA SER A 207 -16.83 -29.89 6.87
C SER A 207 -16.60 -29.26 5.51
N TRP A 208 -16.37 -30.09 4.50
CA TRP A 208 -16.17 -29.57 3.16
C TRP A 208 -17.26 -28.64 2.63
N GLY A 209 -16.89 -27.84 1.64
CA GLY A 209 -17.81 -26.92 1.02
C GLY A 209 -17.01 -26.05 0.07
N PRO A 210 -17.60 -25.60 -1.04
CA PRO A 210 -16.92 -24.76 -2.04
C PRO A 210 -16.47 -23.45 -1.41
N GLU A 211 -15.23 -23.04 -1.70
CA GLU A 211 -14.73 -21.79 -1.16
C GLU A 211 -14.43 -20.76 -2.23
N PRO A 212 -14.51 -19.48 -1.87
CA PRO A 212 -14.81 -18.88 -0.57
C PRO A 212 -16.19 -19.24 0.01
N CYS A 213 -17.22 -19.30 -0.83
CA CYS A 213 -18.55 -19.63 -0.35
C CYS A 213 -19.31 -20.46 -1.39
N GLY A 214 -20.37 -21.09 -0.95
CA GLY A 214 -21.17 -21.89 -1.86
C GLY A 214 -22.11 -20.97 -2.62
N GLU A 215 -23.28 -21.49 -3.01
CA GLU A 215 -24.28 -20.73 -3.74
C GLU A 215 -25.26 -19.94 -2.87
N PRO A 216 -25.99 -19.00 -3.48
CA PRO A 216 -26.97 -18.12 -2.85
C PRO A 216 -28.02 -18.60 -1.84
N THR A 217 -28.36 -19.87 -1.80
CA THR A 217 -29.37 -20.31 -0.83
C THR A 217 -29.08 -21.74 -0.40
N GLU A 218 -28.08 -22.32 -1.07
CA GLU A 218 -27.63 -23.67 -0.84
C GLU A 218 -26.88 -23.74 0.48
N PRO A 219 -27.33 -24.62 1.39
CA PRO A 219 -26.77 -24.86 2.72
C PRO A 219 -25.40 -25.50 2.80
N SER A 220 -24.78 -25.40 3.96
CA SER A 220 -23.46 -25.98 4.21
C SER A 220 -23.59 -27.19 5.14
N VAL A 221 -22.62 -28.09 5.04
CA VAL A 221 -22.64 -29.29 5.87
C VAL A 221 -21.54 -29.28 6.93
N TYR A 222 -21.96 -29.49 8.17
CA TYR A 222 -21.07 -29.51 9.31
C TYR A 222 -21.04 -30.95 9.86
N THR A 223 -19.93 -31.30 10.50
CA THR A 223 -19.72 -32.62 11.09
C THR A 223 -20.38 -32.66 12.46
N LYS A 224 -21.40 -33.48 12.62
CA LYS A 224 -22.14 -33.60 13.89
C LYS A 224 -21.23 -34.10 14.99
N LEU A 225 -21.08 -33.31 16.06
CA LEU A 225 -20.19 -33.70 17.14
C LEU A 225 -20.58 -34.76 18.19
N ILE A 226 -21.82 -34.74 18.69
CA ILE A 226 -22.17 -35.75 19.72
C ILE A 226 -21.74 -37.14 19.24
N LYS A 227 -22.09 -37.44 18.00
CA LYS A 227 -21.78 -38.71 17.35
C LYS A 227 -20.32 -39.16 17.46
N PHE A 228 -19.41 -38.23 17.79
CA PHE A 228 -17.99 -38.53 17.92
C PHE A 228 -17.40 -38.17 19.28
N SER A 229 -18.28 -37.88 20.23
CA SER A 229 -17.91 -37.47 21.57
C SER A 229 -17.01 -38.44 22.33
N SER A 230 -17.32 -39.73 22.26
CA SER A 230 -16.51 -40.71 22.97
C SER A 230 -15.13 -40.85 22.34
N TRP A 231 -15.01 -40.55 21.05
CA TRP A 231 -13.72 -40.65 20.37
C TRP A 231 -12.78 -39.52 20.78
N ILE A 232 -13.33 -38.32 20.86
CA ILE A 232 -12.53 -37.17 21.23
C ILE A 232 -12.04 -37.33 22.66
N ARG A 233 -12.94 -37.68 23.59
CA ARG A 233 -12.54 -37.85 24.99
C ARG A 233 -11.48 -38.92 25.15
N GLU A 234 -11.48 -39.89 24.24
CA GLU A 234 -10.53 -40.99 24.28
C GLU A 234 -9.17 -40.59 23.75
N THR A 235 -9.16 -39.92 22.62
CA THR A 235 -7.92 -39.49 22.02
C THR A 235 -7.27 -38.42 22.92
N MET A 236 -8.08 -37.74 23.72
CA MET A 236 -7.58 -36.71 24.62
C MET A 236 -6.99 -37.26 25.90
N ALA A 237 -7.44 -38.44 26.31
CA ALA A 237 -6.95 -39.04 27.55
C ALA A 237 -5.89 -40.11 27.31
N ASN A 238 -5.54 -40.31 26.05
CA ASN A 238 -4.56 -41.34 25.72
C ASN A 238 -3.33 -40.84 24.97
N ASN A 239 -3.28 -39.53 24.73
CA ASN A 239 -2.13 -38.94 24.01
C ASN A 239 -1.41 -37.76 24.70
N PRO A 240 -1.55 -37.59 26.04
CA PRO A 240 -0.87 -36.49 26.75
C PRO A 240 0.63 -36.58 27.00
N GLY B 10 -0.26 13.32 -9.87
CA GLY B 10 -1.38 13.48 -8.91
C GLY B 10 -1.69 12.17 -8.22
N GLU B 11 -2.77 11.53 -8.66
CA GLU B 11 -3.19 10.26 -8.08
C GLU B 11 -2.82 9.08 -8.97
N PHE B 12 -2.54 7.95 -8.34
CA PHE B 12 -2.22 6.73 -9.07
C PHE B 12 -2.39 5.50 -8.20
N SER B 13 -2.69 4.37 -8.82
CA SER B 13 -2.93 3.12 -8.10
C SER B 13 -1.75 2.48 -7.46
N VAL B 14 -2.05 1.74 -6.39
CA VAL B 14 -1.04 1.03 -5.63
C VAL B 14 -0.54 -0.16 -6.44
N CYS B 15 -1.43 -0.75 -7.25
CA CYS B 15 -1.11 -1.87 -8.15
C CYS B 15 -1.79 -1.52 -9.48
N ASP B 16 -1.08 -1.65 -10.60
CA ASP B 16 -1.67 -1.33 -11.89
C ASP B 16 -2.62 -2.39 -12.37
N SER B 17 -3.62 -2.00 -13.16
CA SER B 17 -4.57 -2.97 -13.71
C SER B 17 -4.95 -2.63 -15.15
N VAL B 18 -5.64 -3.58 -15.80
CA VAL B 18 -6.10 -3.46 -17.18
C VAL B 18 -7.51 -4.02 -17.24
N SER B 19 -8.40 -3.34 -17.94
CA SER B 19 -9.77 -3.82 -18.08
C SER B 19 -10.09 -4.06 -19.53
N VAL B 20 -10.54 -5.27 -19.85
CA VAL B 20 -10.89 -5.62 -21.22
C VAL B 20 -12.22 -6.35 -21.24
N TRP B 21 -12.86 -6.37 -22.39
CA TRP B 21 -14.10 -7.11 -22.54
C TRP B 21 -13.65 -8.41 -23.18
N VAL B 22 -14.18 -9.53 -22.73
CA VAL B 22 -13.78 -10.81 -23.30
C VAL B 22 -14.95 -11.49 -23.95
N GLY B 23 -14.80 -11.82 -25.23
CA GLY B 23 -15.86 -12.48 -25.96
C GLY B 23 -15.38 -13.82 -26.50
N ASP B 24 -14.08 -14.07 -26.40
CA ASP B 24 -13.52 -15.33 -26.88
C ASP B 24 -13.24 -16.31 -25.74
N LYS B 25 -14.07 -16.29 -24.70
CA LYS B 25 -13.90 -17.20 -23.56
C LYS B 25 -14.59 -18.54 -23.81
N THR B 26 -13.80 -19.60 -23.82
CA THR B 26 -14.30 -20.95 -24.06
C THR B 26 -14.42 -21.81 -22.80
N THR B 27 -13.39 -21.80 -21.95
CA THR B 27 -13.41 -22.57 -20.71
C THR B 27 -13.34 -21.68 -19.47
N ALA B 28 -13.93 -22.16 -18.38
CA ALA B 28 -13.95 -21.40 -17.13
C ALA B 28 -14.11 -22.32 -15.93
N THR B 29 -13.93 -21.75 -14.73
CA THR B 29 -14.04 -22.53 -13.51
C THR B 29 -15.31 -22.22 -12.68
N ASP B 30 -16.20 -23.20 -12.64
CA ASP B 30 -17.48 -23.16 -11.92
C ASP B 30 -17.28 -22.78 -10.44
N ILE B 31 -18.36 -22.41 -9.75
CA ILE B 31 -18.27 -22.05 -8.32
C ILE B 31 -17.99 -23.28 -7.46
N LYS B 32 -18.39 -24.45 -7.97
CA LYS B 32 -18.17 -25.68 -7.26
C LYS B 32 -16.74 -26.17 -7.46
N GLY B 33 -16.01 -25.52 -8.36
CA GLY B 33 -14.61 -25.87 -8.55
C GLY B 33 -14.21 -26.69 -9.75
N LYS B 34 -15.18 -27.10 -10.54
CA LYS B 34 -14.93 -27.93 -11.71
C LYS B 34 -14.86 -27.10 -13.00
N GLU B 35 -14.38 -27.72 -14.07
CA GLU B 35 -14.24 -27.04 -15.35
C GLU B 35 -15.58 -26.99 -16.07
N VAL B 36 -15.75 -25.99 -16.92
CA VAL B 36 -16.99 -25.83 -17.66
C VAL B 36 -16.65 -25.08 -18.96
N THR B 37 -17.43 -25.33 -20.00
CA THR B 37 -17.20 -24.70 -21.30
C THR B 37 -18.27 -23.64 -21.58
N VAL B 38 -17.82 -22.42 -21.83
CA VAL B 38 -18.71 -21.30 -22.11
C VAL B 38 -19.37 -21.36 -23.49
N LEU B 39 -20.55 -20.75 -23.59
CA LEU B 39 -21.36 -20.75 -24.80
C LEU B 39 -21.42 -19.33 -25.37
N ALA B 40 -20.88 -19.14 -26.57
CA ALA B 40 -20.87 -17.82 -27.20
C ALA B 40 -22.20 -17.07 -27.35
N GLU B 41 -23.16 -17.63 -28.06
CA GLU B 41 -24.44 -16.93 -28.25
C GLU B 41 -25.54 -17.36 -27.30
N VAL B 42 -26.40 -16.43 -26.91
CA VAL B 42 -27.46 -16.73 -25.95
C VAL B 42 -28.88 -16.24 -26.28
N ASN B 43 -29.84 -16.87 -25.58
CA ASN B 43 -31.31 -16.67 -25.60
C ASN B 43 -32.13 -17.41 -26.65
N ILE B 44 -32.08 -17.00 -27.90
CA ILE B 44 -32.92 -17.61 -28.92
C ILE B 44 -32.13 -18.29 -30.06
N ASN B 45 -32.83 -19.09 -30.90
CA ASN B 45 -32.20 -19.82 -32.02
C ASN B 45 -30.98 -19.21 -32.72
N ASN B 46 -30.89 -17.88 -32.73
CA ASN B 46 -29.73 -17.25 -33.33
C ASN B 46 -29.32 -15.86 -32.83
N SER B 47 -28.26 -15.89 -32.02
CA SER B 47 -27.61 -14.73 -31.43
C SER B 47 -28.37 -13.45 -31.05
N VAL B 48 -29.39 -13.58 -30.19
CA VAL B 48 -30.12 -12.39 -29.77
C VAL B 48 -29.13 -11.49 -28.99
N PHE B 49 -28.19 -12.13 -28.29
CA PHE B 49 -27.11 -11.43 -27.58
C PHE B 49 -25.97 -12.40 -27.26
N ARG B 50 -24.75 -11.90 -27.44
CA ARG B 50 -23.54 -12.68 -27.23
C ARG B 50 -22.96 -12.49 -25.83
N GLN B 51 -22.26 -13.49 -25.32
CA GLN B 51 -21.70 -13.38 -24.00
C GLN B 51 -20.36 -12.68 -23.92
N TYR B 52 -20.37 -11.50 -23.31
CA TYR B 52 -19.18 -10.69 -23.13
C TYR B 52 -18.95 -10.55 -21.63
N PHE B 53 -17.70 -10.69 -21.19
CA PHE B 53 -17.37 -10.58 -19.77
C PHE B 53 -16.35 -9.45 -19.55
N PHE B 54 -16.60 -8.60 -18.57
CA PHE B 54 -15.69 -7.49 -18.24
C PHE B 54 -14.70 -8.01 -17.21
N GLU B 55 -13.42 -8.08 -17.58
CA GLU B 55 -12.39 -8.58 -16.69
C GLU B 55 -11.34 -7.54 -16.36
N THR B 56 -10.76 -7.66 -15.16
CA THR B 56 -9.69 -6.77 -14.75
C THR B 56 -8.62 -7.61 -14.09
N LYS B 57 -7.41 -7.58 -14.66
CA LYS B 57 -6.29 -8.34 -14.13
C LYS B 57 -5.19 -7.37 -13.74
N CYS B 58 -4.13 -7.90 -13.15
CA CYS B 58 -3.00 -7.09 -12.76
C CYS B 58 -2.05 -6.99 -13.94
N ARG B 59 -1.19 -5.99 -13.93
CA ARG B 59 -0.23 -5.85 -15.02
C ARG B 59 1.03 -6.61 -14.66
N ALA B 60 1.40 -6.54 -13.38
CA ALA B 60 2.59 -7.21 -12.87
C ALA B 60 2.43 -7.45 -11.39
N SER B 61 3.23 -8.36 -10.83
CA SER B 61 3.15 -8.68 -9.41
C SER B 61 4.01 -7.67 -8.67
N ASN B 62 5.04 -7.19 -9.37
CA ASN B 62 5.93 -6.21 -8.78
C ASN B 62 6.07 -5.01 -9.69
N PRO B 63 5.05 -4.13 -9.69
CA PRO B 63 5.04 -2.91 -10.50
C PRO B 63 6.34 -2.13 -10.20
N VAL B 64 6.74 -2.21 -8.93
CA VAL B 64 7.96 -1.63 -8.40
C VAL B 64 8.51 -2.89 -7.75
N GLU B 65 9.79 -3.19 -7.97
CA GLU B 65 10.41 -4.41 -7.44
C GLU B 65 10.29 -4.75 -5.94
N SER B 66 9.58 -3.92 -5.19
CA SER B 66 9.37 -4.13 -3.75
C SER B 66 7.97 -4.70 -3.58
N GLY B 67 7.20 -4.65 -4.66
CA GLY B 67 5.84 -5.10 -4.66
C GLY B 67 4.93 -3.96 -5.06
N CYS B 68 3.97 -3.65 -4.20
CA CYS B 68 3.03 -2.56 -4.48
C CYS B 68 3.68 -1.22 -4.24
N ARG B 69 3.18 -0.19 -4.92
CA ARG B 69 3.73 1.15 -4.77
C ARG B 69 3.34 1.82 -3.46
N GLY B 70 4.26 2.56 -2.88
CA GLY B 70 3.99 3.29 -1.65
C GLY B 70 4.01 2.58 -0.32
N ILE B 71 4.47 1.34 -0.33
CA ILE B 71 4.55 0.55 0.88
C ILE B 71 5.90 0.80 1.54
N ASP B 72 5.96 0.66 2.86
CA ASP B 72 7.19 0.85 3.60
C ASP B 72 8.04 -0.42 3.48
N SER B 73 8.74 -0.53 2.36
CA SER B 73 9.58 -1.68 2.04
C SER B 73 10.42 -2.29 3.15
N LYS B 74 10.79 -1.49 4.13
CA LYS B 74 11.64 -1.97 5.22
C LYS B 74 10.83 -2.71 6.27
N HIS B 75 9.55 -2.37 6.35
CA HIS B 75 8.67 -2.98 7.32
C HIS B 75 7.76 -4.05 6.73
N TRP B 76 7.32 -3.87 5.50
CA TRP B 76 6.39 -4.82 4.91
C TRP B 76 6.82 -5.46 3.62
N ASN B 77 6.38 -6.71 3.45
CA ASN B 77 6.63 -7.48 2.24
C ASN B 77 5.31 -7.32 1.51
N SER B 78 5.34 -7.00 0.22
CA SER B 78 4.10 -6.82 -0.53
C SER B 78 4.12 -7.41 -1.93
N TYR B 79 2.95 -7.78 -2.42
CA TYR B 79 2.77 -8.34 -3.77
C TYR B 79 1.36 -8.05 -4.26
N CYS B 80 1.19 -7.82 -5.57
CA CYS B 80 -0.13 -7.54 -6.12
C CYS B 80 -0.80 -8.81 -6.63
N THR B 81 -2.03 -9.06 -6.23
CA THR B 81 -2.71 -10.27 -6.68
C THR B 81 -4.07 -9.92 -7.32
N THR B 82 -4.54 -10.80 -8.22
CA THR B 82 -5.80 -10.59 -8.90
C THR B 82 -6.93 -11.21 -8.16
N THR B 83 -7.96 -10.42 -7.90
CA THR B 83 -9.14 -10.84 -7.17
C THR B 83 -10.20 -11.27 -8.17
N HIS B 84 -11.02 -12.28 -7.84
CA HIS B 84 -12.05 -12.74 -8.75
C HIS B 84 -13.46 -12.42 -8.29
N THR B 85 -14.45 -12.63 -9.16
CA THR B 85 -15.86 -12.39 -8.84
C THR B 85 -16.68 -13.51 -9.51
N PHE B 86 -17.94 -13.66 -9.13
CA PHE B 86 -18.79 -14.69 -9.72
C PHE B 86 -19.86 -14.08 -10.61
N VAL B 87 -19.97 -14.57 -11.85
CA VAL B 87 -20.96 -14.06 -12.80
C VAL B 87 -21.75 -15.22 -13.39
N LYS B 88 -23.06 -15.07 -13.49
CA LYS B 88 -23.91 -16.13 -14.06
C LYS B 88 -23.68 -16.19 -15.58
N ALA B 89 -23.52 -17.38 -16.13
CA ALA B 89 -23.29 -17.49 -17.57
C ALA B 89 -23.66 -18.87 -18.11
N LEU B 90 -24.08 -18.92 -19.38
CA LEU B 90 -24.45 -20.19 -19.99
C LEU B 90 -23.18 -21.01 -20.23
N THR B 91 -23.23 -22.29 -19.86
CA THR B 91 -22.09 -23.20 -20.00
C THR B 91 -22.54 -24.65 -20.11
N THR B 92 -21.59 -25.58 -20.29
CA THR B 92 -21.91 -27.02 -20.38
C THR B 92 -20.82 -27.90 -19.74
N ASP B 93 -21.22 -29.03 -19.16
CA ASP B 93 -20.28 -29.95 -18.47
C ASP B 93 -19.83 -31.23 -19.20
N GLU B 94 -20.76 -31.92 -19.83
CA GLU B 94 -20.48 -33.12 -20.62
C GLU B 94 -21.49 -33.02 -21.74
N LYS B 95 -22.74 -32.83 -21.33
CA LYS B 95 -23.87 -32.67 -22.24
C LYS B 95 -24.95 -31.79 -21.62
N GLN B 96 -24.93 -31.60 -20.29
CA GLN B 96 -25.97 -30.76 -19.69
C GLN B 96 -25.52 -29.31 -19.64
N ALA B 97 -26.27 -28.46 -20.34
CA ALA B 97 -25.97 -27.03 -20.39
C ALA B 97 -26.96 -26.15 -19.65
N ALA B 98 -26.44 -25.26 -18.81
CA ALA B 98 -27.28 -24.36 -18.04
C ALA B 98 -26.52 -23.13 -17.54
N TRP B 99 -27.25 -22.25 -16.85
CA TRP B 99 -26.71 -21.03 -16.28
C TRP B 99 -25.89 -21.30 -15.01
N ARG B 100 -24.59 -21.08 -15.08
CA ARG B 100 -23.69 -21.32 -13.95
C ARG B 100 -22.82 -20.11 -13.60
N PHE B 101 -22.47 -20.01 -12.32
CA PHE B 101 -21.64 -18.92 -11.83
C PHE B 101 -20.19 -19.26 -12.13
N ILE B 102 -19.54 -18.45 -12.96
CA ILE B 102 -18.15 -18.72 -13.28
C ILE B 102 -17.21 -17.68 -12.64
N ARG B 103 -15.98 -18.08 -12.35
CA ARG B 103 -14.99 -17.22 -11.72
C ARG B 103 -14.39 -16.26 -12.75
N ILE B 104 -14.62 -14.97 -12.58
CA ILE B 104 -14.12 -13.94 -13.51
C ILE B 104 -13.14 -12.98 -12.79
N ASP B 105 -12.02 -12.63 -13.44
CA ASP B 105 -11.05 -11.72 -12.82
C ASP B 105 -11.70 -10.35 -12.65
N THR B 106 -11.50 -9.66 -11.54
CA THR B 106 -12.12 -8.35 -11.35
C THR B 106 -11.28 -7.20 -10.83
N ALA B 107 -10.22 -7.49 -10.08
CA ALA B 107 -9.42 -6.40 -9.55
C ALA B 107 -7.99 -6.80 -9.27
N CYS B 108 -7.19 -5.81 -8.90
CA CYS B 108 -5.81 -6.06 -8.54
C CYS B 108 -5.60 -5.37 -7.21
N VAL B 109 -5.51 -6.16 -6.15
CA VAL B 109 -5.32 -5.66 -4.81
C VAL B 109 -3.91 -5.94 -4.32
N CYS B 110 -3.52 -5.28 -3.23
CA CYS B 110 -2.19 -5.44 -2.63
C CYS B 110 -2.29 -6.28 -1.35
N VAL B 111 -1.39 -7.24 -1.19
CA VAL B 111 -1.39 -8.10 0.00
C VAL B 111 -0.17 -7.75 0.87
N LEU B 112 -0.25 -8.02 2.16
CA LEU B 112 0.82 -7.65 3.08
C LEU B 112 1.20 -8.70 4.11
N SER B 113 2.47 -8.73 4.47
CA SER B 113 3.00 -9.61 5.50
C SER B 113 4.10 -8.78 6.18
N ARG B 114 4.58 -9.22 7.33
CA ARG B 114 5.58 -8.46 8.04
C ARG B 114 7.00 -8.90 7.68
N LYS B 115 7.91 -7.95 7.55
CA LYS B 115 9.28 -8.27 7.17
C LYS B 115 10.13 -8.69 8.36
N ALA B 116 10.68 -9.89 8.30
CA ALA B 116 11.52 -10.41 9.36
C ALA B 116 12.86 -9.73 9.44
N THR B 117 13.33 -9.18 8.33
CA THR B 117 14.63 -8.51 8.30
C THR B 117 14.67 -7.43 9.36
N ARG B 118 15.74 -7.41 10.16
CA ARG B 118 15.89 -6.43 11.22
C ARG B 118 16.84 -5.27 10.94
N ILE C 1 18.65 -4.45 20.63
CA ILE C 1 18.98 -5.52 21.59
C ILE C 1 17.99 -5.53 22.75
N VAL C 2 17.17 -6.56 22.87
CA VAL C 2 16.25 -6.60 24.00
C VAL C 2 16.85 -7.52 25.04
N GLY C 3 16.84 -7.07 26.29
CA GLY C 3 17.35 -7.86 27.38
C GLY C 3 18.86 -7.85 27.46
N GLY C 4 19.47 -6.73 27.11
CA GLY C 4 20.92 -6.65 27.19
C GLY C 4 21.41 -5.65 28.23
N PHE C 5 22.71 -5.46 28.26
CA PHE C 5 23.33 -4.52 29.18
C PHE C 5 24.18 -3.55 28.37
N LYS C 6 24.31 -2.32 28.85
CA LYS C 6 25.11 -1.31 28.13
C LYS C 6 26.54 -1.82 27.95
N CYS C 7 27.10 -1.74 26.75
CA CYS C 7 28.46 -2.26 26.54
C CYS C 7 29.53 -1.54 27.38
N GLU C 8 30.74 -2.12 27.41
CA GLU C 8 31.88 -1.56 28.15
C GLU C 8 32.79 -0.72 27.24
N LYS C 9 32.53 0.58 27.24
CA LYS C 9 33.25 1.55 26.43
C LYS C 9 34.06 1.11 25.21
N ASN C 10 35.32 0.71 25.36
CA ASN C 10 36.10 0.31 24.17
C ASN C 10 35.93 -1.13 23.73
N SER C 11 35.00 -1.83 24.36
CA SER C 11 34.74 -3.22 24.07
C SER C 11 34.47 -3.58 22.61
N GLN C 12 33.73 -2.76 21.89
CA GLN C 12 33.42 -3.09 20.51
C GLN C 12 33.89 -2.07 19.48
N PRO C 13 35.21 -2.00 19.22
CA PRO C 13 35.75 -1.05 18.25
C PRO C 13 35.44 -1.45 16.82
N TRP C 14 35.03 -2.70 16.61
CA TRP C 14 34.68 -3.17 15.28
C TRP C 14 33.27 -2.73 14.96
N HIS C 15 32.51 -2.36 15.99
CA HIS C 15 31.16 -1.90 15.77
C HIS C 15 31.10 -0.56 15.07
N VAL C 16 30.25 -0.52 14.05
CA VAL C 16 30.04 0.62 13.20
C VAL C 16 28.56 0.90 13.12
N ALA C 17 28.20 2.15 12.81
CA ALA C 17 26.83 2.53 12.63
C ALA C 17 26.78 3.00 11.19
N VAL C 18 25.95 2.36 10.38
CA VAL C 18 25.83 2.74 8.98
C VAL C 18 24.67 3.69 8.88
N TYR C 19 24.93 4.88 8.36
CA TYR C 19 23.90 5.88 8.20
C TYR C 19 23.61 6.07 6.72
N ARG C 20 22.43 6.57 6.41
CA ARG C 20 22.04 6.88 5.04
C ARG C 20 21.78 8.36 5.16
N TYR C 21 22.83 9.14 4.88
CA TYR C 21 22.79 10.59 5.01
C TYR C 21 22.62 10.93 6.49
N THR C 22 21.45 11.42 6.88
CA THR C 22 21.19 11.81 8.24
C THR C 22 20.47 10.77 9.11
N GLN C 23 19.97 9.71 8.48
CA GLN C 23 19.21 8.68 9.20
C GLN C 23 19.93 7.37 9.47
N TYR C 24 19.71 6.82 10.67
CA TYR C 24 20.32 5.55 11.08
C TYR C 24 19.79 4.49 10.15
N LEU C 25 20.64 3.56 9.74
CA LEU C 25 20.25 2.48 8.84
C LEU C 25 20.48 1.08 9.43
N CYS C 26 21.72 0.77 9.80
CA CYS C 26 22.06 -0.53 10.38
C CYS C 26 23.38 -0.45 11.11
N GLY C 27 23.75 -1.54 11.76
CA GLY C 27 25.02 -1.60 12.44
C GLY C 27 25.99 -2.27 11.49
N GLY C 28 27.23 -2.47 11.92
CA GLY C 28 28.22 -3.12 11.06
C GLY C 28 29.45 -3.60 11.81
N VAL C 29 30.36 -4.24 11.10
CA VAL C 29 31.59 -4.74 11.69
C VAL C 29 32.78 -4.35 10.79
N LEU C 30 33.81 -3.77 11.38
CA LEU C 30 35.01 -3.34 10.64
C LEU C 30 36.01 -4.48 10.48
N LEU C 31 36.36 -4.79 9.24
CA LEU C 31 37.29 -5.88 8.94
C LEU C 31 38.69 -5.42 8.51
N ASP C 32 38.74 -4.39 7.66
CA ASP C 32 39.98 -3.87 7.12
C ASP C 32 39.88 -2.37 7.20
N PRO C 33 41.03 -1.67 7.37
CA PRO C 33 40.99 -0.21 7.44
C PRO C 33 40.13 0.46 6.37
N ASN C 34 40.07 -0.13 5.19
CA ASN C 34 39.25 0.42 4.13
C ASN C 34 38.14 -0.52 3.63
N TRP C 35 37.47 -1.16 4.58
CA TRP C 35 36.37 -2.09 4.32
C TRP C 35 35.51 -2.31 5.57
N VAL C 36 34.19 -2.13 5.43
CA VAL C 36 33.25 -2.36 6.53
C VAL C 36 32.28 -3.43 6.03
N LEU C 37 31.75 -4.24 6.93
CA LEU C 37 30.82 -5.31 6.57
C LEU C 37 29.50 -5.13 7.28
N THR C 38 28.42 -5.23 6.51
CA THR C 38 27.07 -5.09 7.09
C THR C 38 26.16 -6.04 6.34
N ALA C 39 24.88 -6.08 6.73
CA ALA C 39 23.92 -6.96 6.08
C ALA C 39 23.45 -6.41 4.74
N ALA C 40 23.11 -7.32 3.83
CA ALA C 40 22.65 -6.98 2.49
C ALA C 40 21.35 -6.18 2.46
N HIS C 41 20.40 -6.53 3.32
CA HIS C 41 19.14 -5.82 3.31
C HIS C 41 19.22 -4.37 3.80
N CYS C 42 20.44 -3.86 3.99
CA CYS C 42 20.63 -2.49 4.41
C CYS C 42 20.95 -1.67 3.18
N TYR C 43 20.75 -2.29 2.03
CA TYR C 43 21.03 -1.64 0.76
C TYR C 43 20.16 -0.39 0.57
N ASP C 44 20.81 0.77 0.46
CA ASP C 44 20.10 2.04 0.19
C ASP C 44 20.97 2.73 -0.86
N ASP C 45 20.90 4.05 -1.01
CA ASP C 45 21.75 4.65 -2.03
C ASP C 45 22.90 5.54 -1.55
N ASN C 46 23.19 5.44 -0.26
CA ASN C 46 24.31 6.20 0.32
C ASN C 46 24.61 5.62 1.68
N TYR C 47 25.89 5.45 1.99
CA TYR C 47 26.28 4.92 3.27
C TYR C 47 27.38 5.77 3.88
N LYS C 48 27.06 6.43 4.99
CA LYS C 48 28.05 7.20 5.73
C LYS C 48 28.38 6.17 6.80
N VAL C 49 29.55 6.26 7.40
CA VAL C 49 29.93 5.27 8.39
C VAL C 49 30.54 5.90 9.63
N TRP C 50 29.90 5.75 10.77
CA TRP C 50 30.40 6.30 12.03
C TRP C 50 31.23 5.21 12.71
N LEU C 51 32.49 5.52 13.02
CA LEU C 51 33.40 4.56 13.64
C LEU C 51 33.82 4.99 15.04
N GLY C 52 33.85 4.02 15.96
CA GLY C 52 34.26 4.31 17.33
C GLY C 52 33.25 5.08 18.16
N LYS C 53 32.01 4.64 18.12
CA LYS C 53 30.97 5.33 18.88
C LYS C 53 30.33 4.48 19.97
N ASN C 54 29.98 5.14 21.06
CA ASN C 54 29.37 4.48 22.20
C ASN C 54 27.97 5.05 22.45
N ASN C 55 27.81 6.35 22.28
CA ASN C 55 26.50 7.00 22.44
C ASN C 55 26.32 7.98 21.29
N LEU C 56 25.27 7.78 20.52
CA LEU C 56 25.00 8.59 19.34
C LEU C 56 24.71 10.07 19.53
N PHE C 57 24.38 10.51 20.74
CA PHE C 57 24.09 11.91 20.97
C PHE C 57 25.11 12.58 21.86
N LYS C 58 26.16 11.85 22.17
CA LYS C 58 27.22 12.39 22.99
C LYS C 58 28.43 12.80 22.17
N ASP C 59 29.27 13.60 22.80
CA ASP C 59 30.47 14.13 22.18
C ASP C 59 31.66 13.20 22.34
N GLU C 60 31.96 12.40 21.33
CA GLU C 60 33.10 11.49 21.40
C GLU C 60 34.16 11.83 20.36
N PRO C 61 35.28 12.41 20.82
CA PRO C 61 36.41 12.82 19.98
C PRO C 61 37.16 11.65 19.34
N SER C 62 37.27 10.55 20.07
CA SER C 62 37.98 9.38 19.59
C SER C 62 37.38 8.79 18.32
N ALA C 63 36.17 9.23 18.00
CA ALA C 63 35.45 8.73 16.84
C ALA C 63 36.00 9.21 15.51
N GLN C 64 35.37 8.75 14.44
CA GLN C 64 35.70 9.12 13.07
C GLN C 64 34.43 8.96 12.27
N HIS C 65 34.41 9.51 11.07
CA HIS C 65 33.24 9.33 10.22
C HIS C 65 33.76 9.32 8.80
N ARG C 66 33.53 8.22 8.11
CA ARG C 66 33.98 8.03 6.74
C ARG C 66 32.83 7.85 5.78
N PHE C 67 33.04 8.24 4.53
CA PHE C 67 32.01 8.07 3.51
C PHE C 67 32.33 6.75 2.82
N VAL C 68 31.34 6.14 2.19
CA VAL C 68 31.52 4.87 1.48
C VAL C 68 31.56 5.06 -0.03
N SER C 69 32.58 4.55 -0.69
CA SER C 69 32.69 4.71 -2.14
C SER C 69 32.16 3.55 -2.97
N LYS C 70 32.09 2.37 -2.38
CA LYS C 70 31.58 1.22 -3.13
C LYS C 70 30.87 0.17 -2.28
N ALA C 71 29.76 -0.35 -2.81
CA ALA C 71 28.96 -1.34 -2.13
C ALA C 71 28.90 -2.63 -2.94
N ILE C 72 29.18 -3.75 -2.29
CA ILE C 72 29.17 -5.04 -2.96
C ILE C 72 28.32 -6.05 -2.17
N PRO C 73 27.08 -6.29 -2.61
CA PRO C 73 26.19 -7.25 -1.93
C PRO C 73 26.34 -8.62 -2.58
N HIS C 74 26.20 -9.68 -1.79
CA HIS C 74 26.34 -11.02 -2.35
C HIS C 74 25.25 -11.25 -3.39
N PRO C 75 25.60 -11.88 -4.50
CA PRO C 75 24.62 -12.15 -5.57
C PRO C 75 23.51 -13.10 -5.16
N GLY C 76 23.70 -13.75 -4.02
CA GLY C 76 22.71 -14.70 -3.54
C GLY C 76 21.53 -14.03 -2.89
N PHE C 77 21.71 -12.76 -2.49
CA PHE C 77 20.62 -12.09 -1.85
C PHE C 77 19.62 -11.61 -2.86
N ASN C 78 18.40 -12.11 -2.74
CA ASN C 78 17.28 -11.75 -3.60
C ASN C 78 16.99 -10.31 -3.28
N MET C 79 17.61 -9.38 -4.00
CA MET C 79 17.40 -7.96 -3.70
C MET C 79 15.97 -7.42 -3.87
N SER C 80 15.05 -8.28 -4.28
CA SER C 80 13.66 -7.87 -4.39
C SER C 80 13.19 -7.64 -2.95
N LEU C 81 14.01 -8.14 -2.02
CA LEU C 81 13.77 -8.03 -0.59
C LEU C 81 14.52 -6.84 -0.01
N MET C 82 14.70 -5.83 -0.87
CA MET C 82 15.34 -4.55 -0.57
C MET C 82 16.77 -4.46 -1.08
N PHE C 88 1.70 -15.99 0.50
CA PHE C 88 3.13 -16.35 0.63
C PHE C 88 3.78 -15.70 1.86
N LEU C 89 4.47 -16.51 2.66
CA LEU C 89 5.14 -16.05 3.87
C LEU C 89 6.54 -16.67 4.03
N GLU C 90 6.83 -17.67 3.21
CA GLU C 90 8.09 -18.41 3.29
C GLU C 90 9.28 -17.81 2.51
N TYR C 91 9.78 -16.67 2.97
CA TYR C 91 10.90 -16.00 2.29
C TYR C 91 12.25 -16.61 2.64
N ASP C 92 13.24 -16.38 1.77
CA ASP C 92 14.59 -16.90 1.96
C ASP C 92 15.62 -15.76 1.94
N TYR C 93 16.03 -15.32 3.12
CA TYR C 93 17.00 -14.23 3.24
C TYR C 93 18.40 -14.80 3.41
N SER C 94 18.67 -15.90 2.70
CA SER C 94 19.95 -16.60 2.78
C SER C 94 21.27 -15.83 2.88
N ASN C 95 21.78 -15.45 1.72
CA ASN C 95 23.06 -14.77 1.64
C ASN C 95 22.92 -13.30 1.97
N ASP C 96 22.57 -13.02 3.21
CA ASP C 96 22.41 -11.64 3.69
C ASP C 96 23.78 -11.13 4.09
N LEU C 97 24.48 -10.53 3.14
CA LEU C 97 25.84 -10.07 3.41
C LEU C 97 26.23 -8.94 2.46
N MET C 98 27.02 -7.97 2.93
CA MET C 98 27.44 -6.86 2.08
C MET C 98 28.75 -6.21 2.52
N LEU C 99 29.63 -5.97 1.55
CA LEU C 99 30.90 -5.31 1.82
C LEU C 99 30.74 -3.86 1.42
N LEU C 100 31.26 -2.96 2.27
CA LEU C 100 31.17 -1.51 2.08
C LEU C 100 32.57 -0.90 2.08
N ARG C 101 33.10 -0.54 0.91
CA ARG C 101 34.45 0.04 0.90
C ARG C 101 34.46 1.53 1.21
N LEU C 102 35.24 1.91 2.22
CA LEU C 102 35.34 3.30 2.64
C LEU C 102 36.14 4.17 1.65
N SER C 103 35.84 5.47 1.67
CA SER C 103 36.51 6.44 0.82
C SER C 103 37.93 6.60 1.35
N LYS C 104 38.07 7.30 2.47
CA LYS C 104 39.38 7.44 3.09
C LYS C 104 39.33 6.47 4.28
N PRO C 105 40.39 5.68 4.47
CA PRO C 105 40.52 4.69 5.54
C PRO C 105 40.30 5.06 7.00
N ALA C 106 39.95 4.03 7.74
CA ALA C 106 39.73 4.16 9.15
C ALA C 106 41.11 4.31 9.73
N ASP C 107 41.22 5.24 10.67
CA ASP C 107 42.46 5.55 11.35
C ASP C 107 42.50 4.58 12.53
N ILE C 108 43.16 3.45 12.33
CA ILE C 108 43.28 2.41 13.35
C ILE C 108 43.95 2.96 14.60
N THR C 109 43.22 2.89 15.71
CA THR C 109 43.70 3.41 16.99
C THR C 109 43.20 2.49 18.10
N ASP C 110 43.02 3.02 19.30
CA ASP C 110 42.52 2.21 20.41
C ASP C 110 41.02 2.00 20.37
N THR C 111 40.30 3.01 19.90
CA THR C 111 38.85 2.97 19.82
C THR C 111 38.30 2.51 18.46
N VAL C 112 39.21 2.24 17.53
CA VAL C 112 38.84 1.82 16.18
C VAL C 112 39.79 0.68 15.77
N LYS C 113 39.32 -0.55 15.99
CA LYS C 113 40.08 -1.76 15.71
C LYS C 113 39.27 -2.77 14.93
N PRO C 114 39.87 -3.38 13.89
CA PRO C 114 39.23 -4.38 13.04
C PRO C 114 39.16 -5.76 13.70
N ILE C 115 38.12 -6.51 13.39
CA ILE C 115 37.97 -7.86 13.93
C ILE C 115 38.24 -8.84 12.78
N THR C 116 38.92 -9.94 13.08
CA THR C 116 39.31 -10.94 12.08
C THR C 116 38.22 -11.94 11.66
N LEU C 117 38.22 -12.31 10.37
CA LEU C 117 37.26 -13.28 9.81
C LEU C 117 37.52 -14.70 10.35
N PRO C 118 36.50 -15.57 10.31
CA PRO C 118 36.63 -16.94 10.79
C PRO C 118 37.54 -17.88 9.99
N THR C 119 37.99 -18.92 10.70
CA THR C 119 38.83 -19.99 10.19
C THR C 119 38.09 -21.24 10.65
N GLU C 120 37.54 -21.07 11.85
CA GLU C 120 36.78 -22.03 12.62
C GLU C 120 35.35 -22.24 12.09
N GLU C 121 34.65 -23.21 12.70
CA GLU C 121 33.24 -23.50 12.41
C GLU C 121 32.69 -23.54 13.85
N PRO C 122 31.77 -22.62 14.16
CA PRO C 122 31.22 -22.57 15.51
C PRO C 122 30.62 -23.83 16.07
N LYS C 123 30.76 -23.97 17.38
CA LYS C 123 30.24 -25.11 18.10
C LYS C 123 28.99 -24.67 18.84
N LEU C 124 28.09 -25.60 19.11
CA LEU C 124 26.84 -25.29 19.81
C LEU C 124 27.13 -25.07 21.28
N GLY C 125 26.25 -24.37 21.98
CA GLY C 125 26.49 -24.10 23.39
C GLY C 125 27.40 -22.90 23.51
N SER C 126 28.11 -22.59 22.44
CA SER C 126 28.99 -21.45 22.47
C SER C 126 28.20 -20.25 22.92
N THR C 127 28.76 -19.44 23.79
CA THR C 127 28.05 -18.25 24.19
C THR C 127 28.51 -17.21 23.16
N CYS C 128 27.55 -16.56 22.52
CA CYS C 128 27.82 -15.55 21.51
C CYS C 128 27.37 -14.17 21.98
N LEU C 129 28.07 -13.14 21.53
CA LEU C 129 27.73 -11.77 21.89
C LEU C 129 27.22 -11.04 20.67
N ALA C 130 26.24 -10.18 20.89
CA ALA C 130 25.65 -9.38 19.82
C ALA C 130 25.46 -7.99 20.40
N SER C 131 25.83 -6.97 19.64
CA SER C 131 25.72 -5.58 20.10
C SER C 131 24.90 -4.76 19.10
N GLY C 132 24.47 -3.57 19.49
CA GLY C 132 23.69 -2.76 18.55
C GLY C 132 22.85 -1.64 19.12
N TRP C 133 22.55 -0.65 18.28
CA TRP C 133 21.76 0.52 18.67
C TRP C 133 20.27 0.28 18.42
N GLY C 134 19.92 -0.97 18.24
CA GLY C 134 18.53 -1.32 17.99
C GLY C 134 17.62 -1.11 19.17
N SER C 135 16.41 -1.62 19.04
CA SER C 135 15.40 -1.50 20.06
C SER C 135 15.70 -2.27 21.35
N ILE C 136 15.16 -1.76 22.46
CA ILE C 136 15.25 -2.40 23.78
C ILE C 136 13.82 -2.82 24.15
N THR C 137 12.89 -2.57 23.22
CA THR C 137 11.49 -2.93 23.41
C THR C 137 11.11 -3.93 22.34
N PRO C 138 10.40 -5.01 22.72
CA PRO C 138 9.96 -6.06 21.80
C PRO C 138 8.97 -5.66 20.72
N THR C 139 7.80 -5.19 21.11
CA THR C 139 6.79 -4.84 20.12
C THR C 139 7.07 -3.63 19.25
N LYS C 140 6.78 -2.44 19.75
CA LYS C 140 7.03 -1.23 18.96
C LYS C 140 8.52 -0.97 19.04
N PHE C 141 9.04 -0.14 18.15
CA PHE C 141 10.46 0.08 18.14
C PHE C 141 10.96 1.36 18.79
N GLN C 142 11.78 1.17 19.83
CA GLN C 142 12.42 2.23 20.60
C GLN C 142 13.93 2.03 20.48
N PHE C 143 14.59 2.75 19.57
CA PHE C 143 16.03 2.59 19.39
C PHE C 143 16.82 3.15 20.56
N THR C 144 18.06 2.71 20.75
CA THR C 144 18.90 3.19 21.84
C THR C 144 20.03 4.14 21.41
N ASP C 145 20.41 5.04 22.31
CA ASP C 145 21.49 5.98 22.03
C ASP C 145 22.79 5.26 22.40
N ASP C 146 22.74 4.49 23.48
CA ASP C 146 23.90 3.76 23.96
C ASP C 146 24.00 2.43 23.25
N LEU C 147 25.22 1.94 23.08
CA LEU C 147 25.45 0.66 22.41
C LEU C 147 25.28 -0.48 23.40
N TYR C 148 24.22 -1.28 23.25
CA TYR C 148 23.99 -2.40 24.16
C TYR C 148 24.68 -3.66 23.68
N CYS C 149 24.95 -4.56 24.61
CA CYS C 149 25.60 -5.83 24.35
C CYS C 149 24.74 -6.93 24.98
N VAL C 150 24.66 -8.11 24.36
CA VAL C 150 23.88 -9.20 24.92
C VAL C 150 24.51 -10.56 24.63
N ASN C 151 24.44 -11.46 25.60
CA ASN C 151 25.03 -12.79 25.46
C ASN C 151 23.97 -13.85 25.20
N LEU C 152 24.03 -14.43 24.01
CA LEU C 152 23.08 -15.45 23.59
C LEU C 152 23.76 -16.82 23.49
N LYS C 153 22.95 -17.86 23.30
CA LYS C 153 23.46 -19.21 23.17
C LYS C 153 23.30 -19.70 21.73
N LEU C 154 24.35 -20.31 21.17
CA LEU C 154 24.24 -20.81 19.80
C LEU C 154 23.41 -22.09 19.79
N LEU C 155 22.16 -22.00 19.34
CA LEU C 155 21.26 -23.15 19.24
C LEU C 155 21.35 -23.86 17.91
N PRO C 156 20.80 -25.08 17.83
CA PRO C 156 20.84 -25.82 16.57
C PRO C 156 19.86 -25.19 15.59
N ASN C 157 20.24 -25.18 14.32
CA ASN C 157 19.38 -24.59 13.29
C ASN C 157 17.99 -25.15 13.29
N GLU C 158 17.78 -26.30 13.93
CA GLU C 158 16.45 -26.90 13.95
C GLU C 158 15.47 -26.20 14.90
N ASP C 159 16.01 -25.49 15.89
CA ASP C 159 15.17 -24.76 16.82
C ASP C 159 14.52 -23.57 16.14
N CYS C 160 15.22 -23.06 15.13
CA CYS C 160 14.76 -21.92 14.35
C CYS C 160 13.72 -22.32 13.28
N ALA C 161 14.01 -23.39 12.55
CA ALA C 161 13.12 -23.85 11.49
C ALA C 161 11.78 -24.32 12.02
N LYS C 162 11.80 -24.74 13.27
CA LYS C 162 10.65 -25.23 14.00
C LYS C 162 9.64 -24.08 14.17
N ALA C 163 10.12 -22.99 14.76
CA ALA C 163 9.29 -21.84 15.05
C ALA C 163 9.03 -20.84 13.94
N HIS C 164 10.01 -20.65 13.06
CA HIS C 164 9.84 -19.66 12.01
C HIS C 164 9.21 -20.20 10.72
N ILE C 165 8.34 -19.40 10.12
CA ILE C 165 7.67 -19.79 8.89
C ILE C 165 8.58 -19.54 7.70
N GLU C 166 9.61 -18.75 7.92
CA GLU C 166 10.55 -18.40 6.86
C GLU C 166 11.73 -19.36 6.86
N LYS C 167 12.16 -19.76 5.68
CA LYS C 167 13.26 -20.71 5.52
C LYS C 167 14.52 -20.44 6.35
N VAL C 168 14.97 -21.47 7.06
CA VAL C 168 16.22 -21.42 7.84
C VAL C 168 17.13 -22.35 7.04
N THR C 169 18.28 -21.85 6.63
CA THR C 169 19.17 -22.60 5.78
C THR C 169 20.67 -22.66 6.15
N ASP C 170 21.40 -23.36 5.29
CA ASP C 170 22.85 -23.61 5.31
C ASP C 170 23.69 -22.38 5.68
N ALA C 171 23.30 -21.22 5.17
CA ALA C 171 24.05 -20.00 5.44
C ALA C 171 23.53 -19.25 6.66
N MET C 172 22.80 -19.92 7.54
CA MET C 172 22.25 -19.29 8.73
C MET C 172 22.65 -19.92 10.05
N LEU C 173 22.78 -19.08 11.06
CA LEU C 173 23.17 -19.50 12.39
C LEU C 173 22.00 -19.17 13.30
N CYS C 174 21.61 -20.09 14.17
CA CYS C 174 20.48 -19.84 15.06
C CYS C 174 21.01 -19.54 16.45
N ALA C 175 20.59 -18.43 17.03
CA ALA C 175 21.08 -18.08 18.36
C ALA C 175 20.08 -17.27 19.18
N GLY C 176 20.11 -17.49 20.49
CA GLY C 176 19.20 -16.77 21.36
C GLY C 176 19.10 -17.56 22.65
N GLU C 177 18.02 -17.35 23.38
CA GLU C 177 17.79 -18.05 24.63
C GLU C 177 16.39 -18.61 24.47
N MET C 178 16.14 -19.81 24.96
CA MET C 178 14.84 -20.42 24.77
C MET C 178 13.80 -20.12 25.86
N ASP C 179 14.23 -19.49 26.93
CA ASP C 179 13.30 -19.13 27.99
C ASP C 179 12.64 -17.85 27.55
N GLY C 180 13.37 -17.07 26.76
CA GLY C 180 12.86 -15.81 26.28
C GLY C 180 13.38 -14.66 27.14
N GLY C 181 13.47 -13.48 26.56
CA GLY C 181 13.93 -12.33 27.30
C GLY C 181 15.08 -11.60 26.61
N LYS C 182 15.87 -12.32 25.82
CA LYS C 182 17.00 -11.71 25.12
C LYS C 182 17.08 -12.15 23.66
N ASP C 183 17.20 -11.17 22.77
CA ASP C 183 17.27 -11.43 21.35
C ASP C 183 17.54 -10.09 20.67
N THR C 184 18.33 -10.09 19.60
CA THR C 184 18.58 -8.84 18.88
C THR C 184 17.19 -8.40 18.42
N CYS C 185 17.08 -7.19 17.91
CA CYS C 185 15.78 -6.71 17.44
C CYS C 185 16.01 -5.66 16.35
N LYS C 186 14.91 -5.18 15.79
CA LYS C 186 14.96 -4.18 14.73
C LYS C 186 16.01 -3.09 14.95
N GLY C 187 16.89 -2.91 13.96
CA GLY C 187 17.92 -1.90 14.09
C GLY C 187 19.27 -2.44 14.50
N ASP C 188 19.31 -3.72 14.84
CA ASP C 188 20.55 -4.37 15.26
C ASP C 188 21.27 -5.06 14.12
N SER C 189 20.61 -5.11 12.97
CA SER C 189 21.14 -5.75 11.75
C SER C 189 22.49 -5.27 11.27
N GLY C 190 23.25 -6.20 10.69
CA GLY C 190 24.58 -5.87 10.23
C GLY C 190 25.57 -5.94 11.37
N GLY C 191 25.04 -6.08 12.59
CA GLY C 191 25.88 -6.16 13.77
C GLY C 191 26.58 -7.50 13.86
N PRO C 192 27.50 -7.66 14.82
CA PRO C 192 28.24 -8.92 14.97
C PRO C 192 27.64 -9.94 15.94
N LEU C 193 28.00 -11.21 15.73
CA LEU C 193 27.61 -12.31 16.59
C LEU C 193 28.93 -13.02 16.78
N ILE C 194 29.65 -12.61 17.82
CA ILE C 194 30.95 -13.16 18.15
C ILE C 194 30.82 -14.32 19.13
N CYS C 195 31.01 -15.54 18.65
CA CYS C 195 30.92 -16.72 19.49
C CYS C 195 32.30 -17.15 19.99
N ASP C 196 32.53 -16.88 21.27
CA ASP C 196 33.79 -17.20 21.95
C ASP C 196 35.01 -16.51 21.35
N GLY C 197 35.03 -15.18 21.45
CA GLY C 197 36.16 -14.40 20.95
C GLY C 197 36.29 -14.33 19.44
N VAL C 198 35.74 -15.32 18.74
CA VAL C 198 35.84 -15.34 17.29
C VAL C 198 34.50 -14.94 16.66
N LEU C 199 34.56 -13.99 15.73
CA LEU C 199 33.38 -13.52 15.00
C LEU C 199 32.87 -14.67 14.14
N GLN C 200 31.59 -15.01 14.25
CA GLN C 200 31.02 -16.10 13.45
C GLN C 200 29.82 -15.67 12.63
N GLY C 201 29.21 -14.54 13.00
CA GLY C 201 28.05 -14.09 12.27
C GLY C 201 27.71 -12.61 12.29
N ILE C 202 26.61 -12.33 11.61
CA ILE C 202 26.06 -11.00 11.45
C ILE C 202 24.57 -11.14 11.77
N THR C 203 23.97 -10.13 12.37
CA THR C 203 22.55 -10.17 12.70
C THR C 203 21.70 -9.92 11.45
N SER C 204 20.88 -10.91 11.05
CA SER C 204 20.05 -10.77 9.86
C SER C 204 18.54 -10.65 10.10
N TRP C 205 17.85 -11.74 10.38
CA TRP C 205 16.42 -11.64 10.61
C TRP C 205 15.96 -12.28 11.91
N GLY C 206 14.68 -12.14 12.22
CA GLY C 206 14.13 -12.70 13.44
C GLY C 206 12.64 -12.55 13.49
N HIS C 207 12.08 -12.57 14.70
CA HIS C 207 10.64 -12.46 14.89
C HIS C 207 10.27 -11.23 15.70
N THR C 208 9.19 -10.57 15.31
CA THR C 208 8.66 -9.39 15.99
C THR C 208 7.32 -9.88 16.53
N PRO C 209 7.07 -9.79 17.85
CA PRO C 209 7.88 -9.29 18.97
C PRO C 209 9.17 -10.03 19.23
N CYS C 210 10.17 -9.26 19.63
CA CYS C 210 11.49 -9.77 19.97
C CYS C 210 11.54 -10.42 21.36
N GLY C 211 12.44 -11.38 21.53
CA GLY C 211 12.58 -12.03 22.83
C GLY C 211 11.40 -12.87 23.30
N GLU C 212 10.73 -13.53 22.37
CA GLU C 212 9.58 -14.38 22.68
C GLU C 212 10.10 -15.78 22.96
N PRO C 213 9.48 -16.49 23.91
CA PRO C 213 9.96 -17.84 24.22
C PRO C 213 9.84 -18.76 23.03
N ASP C 214 10.86 -19.58 22.81
CA ASP C 214 10.88 -20.51 21.70
C ASP C 214 11.06 -19.85 20.32
N MET C 215 11.50 -18.59 20.31
CA MET C 215 11.70 -17.88 19.05
C MET C 215 13.06 -17.24 18.97
N PRO C 216 14.08 -18.01 18.59
CA PRO C 216 15.44 -17.49 18.48
C PRO C 216 15.63 -16.62 17.25
N GLY C 217 16.74 -15.89 17.21
CA GLY C 217 17.02 -15.05 16.05
C GLY C 217 17.86 -15.78 15.02
N VAL C 218 17.87 -15.31 13.79
CA VAL C 218 18.67 -15.96 12.77
C VAL C 218 19.77 -15.01 12.32
N TYR C 219 21.00 -15.50 12.35
CA TYR C 219 22.18 -14.73 11.98
C TYR C 219 22.87 -15.32 10.72
N THR C 220 23.66 -14.52 10.04
CA THR C 220 24.37 -14.96 8.84
C THR C 220 25.64 -15.70 9.20
N LYS C 221 25.73 -16.98 8.78
CA LYS C 221 26.90 -17.80 9.05
C LYS C 221 28.01 -17.31 8.16
N LEU C 222 28.97 -16.61 8.74
CA LEU C 222 30.09 -16.06 8.01
C LEU C 222 31.13 -17.05 7.48
N ASN C 223 31.20 -18.23 8.08
CA ASN C 223 32.18 -19.20 7.65
C ASN C 223 31.96 -19.67 6.21
N LYS C 224 30.71 -19.72 5.78
CA LYS C 224 30.42 -20.16 4.42
C LYS C 224 30.67 -19.06 3.38
N PHE C 225 31.21 -17.93 3.83
CA PHE C 225 31.46 -16.78 2.96
C PHE C 225 32.89 -16.19 2.96
N THR C 226 33.75 -16.71 3.82
CA THR C 226 35.13 -16.23 3.95
C THR C 226 35.95 -16.21 2.66
N SER C 227 35.51 -16.94 1.66
CA SER C 227 36.23 -16.98 0.38
C SER C 227 35.74 -15.85 -0.53
N TRP C 228 34.46 -15.48 -0.39
CA TRP C 228 33.87 -14.41 -1.18
C TRP C 228 34.43 -13.07 -0.72
N ILE C 229 34.66 -12.96 0.59
CA ILE C 229 35.19 -11.73 1.19
C ILE C 229 36.60 -11.36 0.71
N LYS C 230 37.54 -12.30 0.81
CA LYS C 230 38.93 -12.08 0.42
C LYS C 230 39.07 -11.94 -1.10
N ASP C 231 38.17 -12.57 -1.82
CA ASP C 231 38.18 -12.52 -3.28
C ASP C 231 37.80 -11.10 -3.68
N THR C 232 36.68 -10.62 -3.15
CA THR C 232 36.18 -9.28 -3.46
C THR C 232 36.99 -8.16 -2.80
N MET C 233 37.85 -8.53 -1.86
CA MET C 233 38.70 -7.57 -1.19
C MET C 233 39.96 -7.43 -2.05
N ALA C 234 40.36 -8.54 -2.64
CA ALA C 234 41.55 -8.60 -3.46
C ALA C 234 41.30 -7.95 -4.81
N LYS C 235 40.07 -8.01 -5.26
CA LYS C 235 39.74 -7.43 -6.55
C LYS C 235 39.53 -5.94 -6.45
N ASN C 236 39.77 -5.38 -5.26
CA ASN C 236 39.59 -3.94 -4.98
C ASN C 236 38.58 -3.31 -5.94
N PRO C 237 37.36 -3.87 -5.98
CA PRO C 237 36.18 -3.51 -6.78
C PRO C 237 36.05 -2.03 -7.12
N SER D 14 5.10 5.53 -26.96
CA SER D 14 5.65 6.45 -27.99
C SER D 14 4.58 7.31 -28.70
N GLN D 15 3.95 8.20 -27.93
CA GLN D 15 2.94 9.13 -28.43
C GLN D 15 3.26 10.42 -27.68
N PRO D 16 4.30 11.14 -28.11
CA PRO D 16 4.78 12.39 -27.52
C PRO D 16 3.80 13.57 -27.48
N TRP D 17 2.85 13.59 -28.40
CA TRP D 17 1.88 14.69 -28.46
C TRP D 17 0.81 14.61 -27.39
N HIS D 18 0.68 13.44 -26.76
CA HIS D 18 -0.32 13.24 -25.74
C HIS D 18 -0.12 14.09 -24.49
N VAL D 19 -1.17 14.80 -24.09
CA VAL D 19 -1.10 15.61 -22.91
C VAL D 19 -2.29 15.24 -22.03
N ALA D 20 -2.18 15.53 -20.74
CA ALA D 20 -3.24 15.24 -19.79
C ALA D 20 -3.69 16.58 -19.26
N VAL D 21 -4.98 16.82 -19.33
CA VAL D 21 -5.55 18.07 -18.87
C VAL D 21 -6.11 17.81 -17.49
N TYR D 22 -5.40 18.20 -16.45
CA TYR D 22 -5.92 17.99 -15.11
C TYR D 22 -6.99 19.01 -14.83
N ARG D 23 -8.23 18.58 -14.90
CA ARG D 23 -9.36 19.43 -14.57
C ARG D 23 -9.43 19.13 -13.07
N PHE D 24 -9.69 20.15 -12.27
CA PHE D 24 -9.62 19.98 -10.81
C PHE D 24 -10.49 19.01 -10.03
N ASN D 25 -11.80 19.21 -10.03
CA ASN D 25 -12.62 18.28 -9.28
C ASN D 25 -13.67 17.58 -10.12
N LYS D 26 -13.22 17.10 -11.27
CA LYS D 26 -14.07 16.38 -12.21
C LYS D 26 -13.13 15.55 -13.06
N TYR D 27 -13.67 14.64 -13.87
CA TYR D 27 -12.82 13.78 -14.70
C TYR D 27 -11.75 14.42 -15.59
N GLN D 28 -10.65 13.69 -15.70
CA GLN D 28 -9.48 14.07 -16.49
C GLN D 28 -9.81 14.06 -17.98
N CYS D 29 -8.99 14.75 -18.76
CA CYS D 29 -9.16 14.79 -20.20
C CYS D 29 -7.78 14.68 -20.84
N GLY D 30 -7.73 14.22 -22.08
CA GLY D 30 -6.46 14.12 -22.78
C GLY D 30 -6.42 15.27 -23.76
N GLY D 31 -5.37 15.34 -24.58
CA GLY D 31 -5.29 16.42 -25.54
C GLY D 31 -4.13 16.14 -26.46
N VAL D 32 -3.95 16.99 -27.47
CA VAL D 32 -2.83 16.83 -28.39
C VAL D 32 -1.98 18.10 -28.32
N LEU D 33 -0.68 17.95 -28.48
CA LEU D 33 0.20 19.12 -28.45
C LEU D 33 0.30 19.51 -29.91
N LEU D 34 -0.02 20.76 -30.23
CA LEU D 34 0.04 21.21 -31.62
C LEU D 34 1.27 22.08 -31.93
N ASP D 35 1.66 22.89 -30.97
CA ASP D 35 2.76 23.81 -31.15
C ASP D 35 3.43 23.93 -29.79
N ARG D 36 4.72 24.27 -29.76
CA ARG D 36 5.44 24.44 -28.49
C ARG D 36 4.58 25.23 -27.48
N ASN D 37 3.64 26.02 -27.98
CA ASN D 37 2.78 26.84 -27.14
C ASN D 37 1.31 26.46 -27.01
N TRP D 38 0.79 25.62 -27.91
CA TRP D 38 -0.63 25.28 -27.84
C TRP D 38 -1.00 23.82 -27.60
N VAL D 39 -2.15 23.62 -26.96
CA VAL D 39 -2.71 22.29 -26.64
C VAL D 39 -4.17 22.24 -27.15
N LEU D 40 -4.55 21.12 -27.76
CA LEU D 40 -5.89 20.95 -28.32
C LEU D 40 -6.68 19.80 -27.65
N THR D 41 -7.72 20.15 -26.91
CA THR D 41 -8.57 19.17 -26.23
C THR D 41 -10.03 19.38 -26.68
N ALA D 42 -10.99 18.76 -26.01
CA ALA D 42 -12.39 18.91 -26.40
C ALA D 42 -13.12 19.96 -25.58
N ALA D 43 -14.19 20.52 -26.14
CA ALA D 43 -14.97 21.54 -25.47
C ALA D 43 -15.74 21.03 -24.27
N HIS D 44 -16.18 19.78 -24.30
CA HIS D 44 -16.92 19.27 -23.17
C HIS D 44 -16.01 19.07 -21.98
N CYS D 45 -14.71 19.31 -22.18
CA CYS D 45 -13.75 19.17 -21.10
C CYS D 45 -13.62 20.47 -20.35
N TYR D 46 -14.26 21.51 -20.88
CA TYR D 46 -14.27 22.85 -20.26
C TYR D 46 -14.50 22.92 -18.74
N ASN D 47 -13.73 23.78 -18.09
CA ASN D 47 -13.82 24.00 -16.64
C ASN D 47 -13.21 25.38 -16.37
N ASP D 48 -13.31 25.84 -15.13
CA ASP D 48 -12.77 27.15 -14.75
C ASP D 48 -11.27 27.09 -14.47
N LYS D 49 -10.82 26.01 -13.82
CA LYS D 49 -9.43 25.80 -13.47
C LYS D 49 -8.84 24.66 -14.31
N TYR D 50 -7.62 24.83 -14.80
CA TYR D 50 -6.92 23.81 -15.59
C TYR D 50 -5.47 23.66 -15.12
N GLN D 51 -4.83 22.59 -15.57
CA GLN D 51 -3.44 22.31 -15.26
C GLN D 51 -3.08 21.29 -16.32
N VAL D 52 -2.08 21.62 -17.13
CA VAL D 52 -1.68 20.74 -18.24
C VAL D 52 -0.40 20.01 -17.94
N TRP D 53 -0.49 18.69 -17.99
CA TRP D 53 0.62 17.80 -17.70
C TRP D 53 1.17 17.19 -18.98
N LEU D 54 2.36 17.62 -19.39
CA LEU D 54 2.98 17.12 -20.61
C LEU D 54 4.03 16.02 -20.37
N GLY D 55 4.13 15.06 -21.28
CA GLY D 55 5.13 14.01 -21.16
C GLY D 55 4.77 12.63 -20.62
N LYS D 56 5.80 11.87 -20.24
CA LYS D 56 5.63 10.55 -19.65
C LYS D 56 5.08 9.39 -20.45
N ASP D 62 5.15 14.35 -11.00
CA ASP D 62 5.93 15.38 -11.73
C ASP D 62 7.33 14.87 -12.08
N ASP D 66 8.95 14.58 -18.13
CA ASP D 66 7.78 15.25 -17.48
C ASP D 66 7.82 16.78 -17.51
N GLN D 67 6.64 17.38 -17.52
CA GLN D 67 6.48 18.83 -17.57
C GLN D 67 5.04 19.15 -17.21
N HIS D 68 4.83 20.32 -16.61
CA HIS D 68 3.50 20.76 -16.24
C HIS D 68 3.40 22.28 -16.26
N ARG D 69 2.44 22.81 -17.02
CA ARG D 69 2.23 24.25 -17.15
C ARG D 69 0.79 24.56 -16.82
N LEU D 70 0.49 25.84 -16.57
CA LEU D 70 -0.88 26.27 -16.28
C LEU D 70 -1.42 26.87 -17.58
N VAL D 71 -2.74 26.87 -17.75
CA VAL D 71 -3.33 27.41 -18.98
C VAL D 71 -3.86 28.82 -18.80
N SER D 72 -3.38 29.75 -19.63
CA SER D 72 -3.82 31.14 -19.57
C SER D 72 -5.01 31.41 -20.47
N LYS D 73 -4.99 30.86 -21.69
CA LYS D 73 -6.08 31.09 -22.64
C LYS D 73 -6.97 29.90 -23.01
N ALA D 74 -8.20 29.92 -22.49
CA ALA D 74 -9.20 28.90 -22.75
C ALA D 74 -10.08 29.41 -23.88
N ILE D 75 -10.25 28.60 -24.92
CA ILE D 75 -11.03 29.03 -26.09
C ILE D 75 -11.90 27.94 -26.68
N PRO D 76 -13.18 27.88 -26.28
CA PRO D 76 -14.01 26.84 -26.89
C PRO D 76 -14.54 27.34 -28.24
N HIS D 77 -14.85 26.41 -29.16
CA HIS D 77 -15.42 26.82 -30.44
C HIS D 77 -16.77 27.38 -30.06
N PRO D 78 -17.06 28.62 -30.46
CA PRO D 78 -18.34 29.29 -30.15
C PRO D 78 -19.60 28.49 -30.46
N ASP D 79 -19.52 27.66 -31.49
CA ASP D 79 -20.65 26.86 -31.92
C ASP D 79 -20.88 25.57 -31.14
N PHE D 80 -20.48 25.53 -29.89
CA PHE D 80 -20.69 24.35 -29.05
C PHE D 80 -21.80 24.70 -28.04
N ASN D 81 -22.52 23.70 -27.51
CA ASN D 81 -23.59 23.98 -26.56
C ASN D 81 -23.14 23.81 -25.10
N MET D 82 -23.03 24.92 -24.38
CA MET D 82 -22.61 24.90 -22.98
C MET D 82 -23.61 24.24 -22.04
N SER D 83 -24.87 24.19 -22.44
CA SER D 83 -25.88 23.55 -21.61
C SER D 83 -25.57 22.06 -21.57
N LEU D 84 -24.85 21.59 -22.57
CA LEU D 84 -24.48 20.19 -22.63
C LEU D 84 -23.41 19.89 -21.60
N LEU D 85 -22.84 20.96 -21.06
CA LEU D 85 -21.82 20.83 -20.06
C LEU D 85 -22.28 20.55 -18.64
N ASN D 86 -21.50 19.67 -18.02
CA ASN D 86 -21.65 19.26 -16.64
C ASN D 86 -22.97 18.72 -16.06
N GLU D 87 -22.94 17.40 -15.91
CA GLU D 87 -23.99 16.55 -15.34
C GLU D 87 -25.42 16.54 -15.85
N HIS D 88 -25.60 16.47 -17.16
CA HIS D 88 -26.95 16.38 -17.72
C HIS D 88 -27.28 14.88 -17.70
N THR D 89 -28.56 14.54 -17.66
CA THR D 89 -28.93 13.13 -17.71
C THR D 89 -28.80 12.85 -19.21
N PRO D 90 -27.81 12.01 -19.58
CA PRO D 90 -27.47 11.62 -20.95
C PRO D 90 -28.59 11.22 -21.91
N GLN D 91 -29.18 12.18 -22.61
CA GLN D 91 -30.18 11.82 -23.59
C GLN D 91 -29.56 11.92 -24.99
N PRO D 92 -29.95 10.99 -25.88
CA PRO D 92 -29.51 10.82 -27.27
C PRO D 92 -29.92 11.86 -28.31
N GLU D 93 -30.28 13.06 -27.89
CA GLU D 93 -30.69 14.08 -28.84
C GLU D 93 -29.75 15.26 -28.67
N ASP D 94 -28.62 14.99 -28.01
CA ASP D 94 -27.62 15.99 -27.72
C ASP D 94 -26.68 16.16 -28.89
N ASP D 95 -26.57 17.38 -29.38
CA ASP D 95 -25.70 17.70 -30.51
C ASP D 95 -24.35 18.20 -30.03
N TYR D 96 -23.44 17.27 -29.75
CA TYR D 96 -22.10 17.61 -29.28
C TYR D 96 -21.27 18.21 -30.41
N SER D 97 -21.91 18.48 -31.55
CA SER D 97 -21.19 19.03 -32.68
C SER D 97 -20.41 20.28 -32.31
N ASN D 98 -19.21 20.38 -32.88
CA ASN D 98 -18.30 21.49 -32.67
C ASN D 98 -17.57 21.30 -31.34
N ASP D 99 -17.43 20.06 -30.93
CA ASP D 99 -16.75 19.74 -29.68
C ASP D 99 -15.27 19.97 -29.91
N LEU D 100 -14.76 21.14 -29.54
CA LEU D 100 -13.36 21.44 -29.76
C LEU D 100 -12.92 22.58 -28.86
N MET D 101 -11.65 22.57 -28.47
CA MET D 101 -11.14 23.62 -27.61
C MET D 101 -9.62 23.76 -27.70
N LEU D 102 -9.15 24.99 -27.62
CA LEU D 102 -7.73 25.28 -27.68
C LEU D 102 -7.35 25.90 -26.33
N LEU D 103 -6.27 25.40 -25.76
CA LEU D 103 -5.78 25.87 -24.49
C LEU D 103 -4.39 26.45 -24.74
N ARG D 104 -4.12 27.63 -24.20
CA ARG D 104 -2.80 28.21 -24.38
C ARG D 104 -2.03 28.11 -23.08
N LEU D 105 -0.78 27.66 -23.17
CA LEU D 105 0.09 27.49 -22.01
C LEU D 105 0.69 28.82 -21.56
N SER D 106 0.74 29.02 -20.24
CA SER D 106 1.30 30.27 -19.71
C SER D 106 2.80 30.33 -20.02
N LYS D 107 3.39 29.17 -20.28
CA LYS D 107 4.81 29.05 -20.60
C LYS D 107 4.96 27.93 -21.63
N PRO D 108 5.84 28.14 -22.63
CA PRO D 108 6.04 27.13 -23.66
C PRO D 108 6.50 25.77 -23.13
N ALA D 109 6.20 24.73 -23.89
CA ALA D 109 6.57 23.38 -23.56
C ALA D 109 7.95 23.10 -24.15
N ASP D 110 8.82 22.49 -23.37
CA ASP D 110 10.16 22.17 -23.85
C ASP D 110 10.08 20.91 -24.69
N ILE D 111 10.72 20.91 -25.85
CA ILE D 111 10.69 19.72 -26.68
C ILE D 111 11.78 18.78 -26.16
N THR D 112 11.42 17.52 -25.96
CA THR D 112 12.35 16.50 -25.46
C THR D 112 12.02 15.26 -26.27
N ASP D 113 12.85 14.24 -26.17
CA ASP D 113 12.57 13.00 -26.89
C ASP D 113 11.23 12.38 -26.45
N VAL D 114 10.53 13.02 -25.52
CA VAL D 114 9.25 12.51 -25.01
C VAL D 114 8.09 13.48 -25.20
N VAL D 115 8.40 14.75 -25.45
CA VAL D 115 7.37 15.75 -25.68
C VAL D 115 7.61 16.35 -27.06
N LYS D 116 6.73 16.04 -28.01
CA LYS D 116 6.80 16.49 -29.41
C LYS D 116 5.42 16.78 -29.96
N PRO D 117 5.29 17.85 -30.76
CA PRO D 117 3.97 18.19 -31.33
C PRO D 117 3.57 17.27 -32.47
N ILE D 118 2.45 17.61 -33.10
CA ILE D 118 1.95 16.84 -34.25
C ILE D 118 1.25 17.84 -35.15
N THR D 119 1.35 17.64 -36.46
CA THR D 119 0.75 18.54 -37.43
C THR D 119 -0.73 18.30 -37.72
N LEU D 120 -1.44 19.37 -38.06
CA LEU D 120 -2.86 19.30 -38.40
C LEU D 120 -3.05 18.49 -39.68
N PRO D 121 -4.31 18.10 -39.98
CA PRO D 121 -4.54 17.32 -41.20
C PRO D 121 -4.42 18.13 -42.48
N THR D 122 -4.16 17.44 -43.58
CA THR D 122 -4.06 18.07 -44.89
C THR D 122 -5.05 17.34 -45.78
N GLU D 123 -5.00 16.01 -45.73
CA GLU D 123 -5.88 15.18 -46.55
C GLU D 123 -7.15 14.65 -45.88
N GLU D 124 -8.15 14.33 -46.69
CA GLU D 124 -9.42 13.80 -46.19
C GLU D 124 -9.21 12.37 -45.69
N PRO D 125 -10.03 11.92 -44.72
CA PRO D 125 -9.92 10.58 -44.16
C PRO D 125 -10.55 9.52 -45.05
N LYS D 126 -9.89 8.37 -45.21
CA LYS D 126 -10.43 7.29 -46.02
C LYS D 126 -11.22 6.38 -45.09
N LEU D 127 -12.38 5.91 -45.53
CA LEU D 127 -13.13 4.97 -44.70
C LEU D 127 -12.42 3.64 -44.94
N GLY D 128 -12.20 2.87 -43.88
CA GLY D 128 -11.51 1.60 -44.03
C GLY D 128 -10.09 1.69 -43.50
N SER D 129 -9.73 2.91 -43.14
CA SER D 129 -8.40 3.20 -42.63
C SER D 129 -8.16 2.54 -41.28
N THR D 130 -6.88 2.30 -41.00
CA THR D 130 -6.49 1.72 -39.73
C THR D 130 -6.13 2.94 -38.91
N CYS D 131 -6.81 3.12 -37.80
CA CYS D 131 -6.55 4.27 -36.93
C CYS D 131 -6.06 3.85 -35.56
N LEU D 132 -5.42 4.78 -34.87
CA LEU D 132 -4.94 4.55 -33.52
C LEU D 132 -5.68 5.52 -32.62
N ALA D 133 -5.89 5.11 -31.39
CA ALA D 133 -6.53 5.94 -30.38
C ALA D 133 -5.69 5.64 -29.15
N SER D 134 -5.82 6.46 -28.11
CA SER D 134 -5.00 6.27 -26.91
C SER D 134 -5.77 6.03 -25.61
N GLY D 135 -5.21 6.51 -24.51
CA GLY D 135 -5.80 6.37 -23.20
C GLY D 135 -4.87 6.91 -22.12
N THR D 140 -12.12 2.73 -12.74
CA THR D 140 -13.00 1.58 -12.42
C THR D 140 -13.09 0.67 -13.63
N CYS D 152 -1.86 2.21 -26.85
CA CYS D 152 -2.46 2.15 -28.21
C CYS D 152 -3.86 1.54 -28.18
N VAL D 153 -4.48 1.47 -29.36
CA VAL D 153 -5.82 0.93 -29.57
C VAL D 153 -5.97 0.91 -31.08
N ASN D 154 -6.06 -0.28 -31.67
CA ASN D 154 -6.18 -0.37 -33.11
C ASN D 154 -7.62 -0.37 -33.59
N LEU D 155 -8.02 0.77 -34.14
CA LEU D 155 -9.36 0.98 -34.65
C LEU D 155 -9.41 1.04 -36.17
N LYS D 156 -10.63 1.09 -36.69
CA LYS D 156 -10.88 1.16 -38.13
C LYS D 156 -11.92 2.26 -38.31
N LEU D 157 -11.68 3.18 -39.24
CA LEU D 157 -12.63 4.28 -39.48
C LEU D 157 -13.86 3.87 -40.31
N LEU D 158 -14.97 3.59 -39.62
CA LEU D 158 -16.25 3.17 -40.20
C LEU D 158 -17.13 4.35 -40.65
N PRO D 159 -18.22 4.06 -41.40
CA PRO D 159 -19.13 5.12 -41.86
C PRO D 159 -19.91 5.62 -40.67
N ASN D 160 -20.31 6.88 -40.68
CA ASN D 160 -21.05 7.46 -39.57
C ASN D 160 -22.39 6.80 -39.20
N GLU D 161 -22.97 6.03 -40.10
CA GLU D 161 -24.24 5.41 -39.78
C GLU D 161 -24.07 4.36 -38.70
N ASP D 162 -22.90 3.74 -38.64
CA ASP D 162 -22.61 2.73 -37.62
C ASP D 162 -22.73 3.35 -36.23
N CYS D 163 -22.42 4.63 -36.14
CA CYS D 163 -22.49 5.31 -34.86
C CYS D 163 -23.92 5.77 -34.58
N ASP D 164 -24.58 6.20 -35.64
CA ASP D 164 -25.95 6.67 -35.61
C ASP D 164 -26.88 5.54 -35.17
N LYS D 165 -26.36 4.33 -35.16
CA LYS D 165 -27.14 3.16 -34.81
C LYS D 165 -27.26 2.83 -33.33
N ALA D 166 -26.43 3.43 -32.49
CA ALA D 166 -26.47 3.12 -31.08
C ALA D 166 -27.17 4.19 -30.26
N HIS D 167 -28.12 4.88 -30.88
CA HIS D 167 -28.86 5.99 -30.24
C HIS D 167 -28.31 6.42 -28.89
N GLU D 168 -27.07 6.88 -28.88
CA GLU D 168 -26.39 7.34 -27.67
C GLU D 168 -26.21 8.85 -27.74
N MET D 169 -25.99 9.36 -28.94
CA MET D 169 -25.84 10.81 -29.14
C MET D 169 -26.14 11.14 -30.60
N LYS D 170 -26.26 12.43 -30.91
CA LYS D 170 -26.55 12.84 -32.28
C LYS D 170 -25.28 12.84 -33.10
N VAL D 171 -25.28 12.12 -34.22
CA VAL D 171 -24.10 12.03 -35.06
C VAL D 171 -24.29 12.89 -36.32
N THR D 172 -23.45 13.92 -36.48
CA THR D 172 -23.52 14.81 -37.64
C THR D 172 -22.33 14.69 -38.58
N ASP D 173 -22.34 15.50 -39.63
CA ASP D 173 -21.27 15.53 -40.63
C ASP D 173 -19.96 16.15 -40.14
N ALA D 174 -20.03 16.78 -38.98
CA ALA D 174 -18.85 17.40 -38.37
C ALA D 174 -18.20 16.39 -37.41
N MET D 175 -18.57 15.12 -37.55
CA MET D 175 -18.04 14.06 -36.68
C MET D 175 -17.54 12.86 -37.47
N LEU D 176 -16.74 12.05 -36.81
CA LEU D 176 -16.21 10.83 -37.40
C LEU D 176 -16.71 9.68 -36.53
N CYS D 177 -16.50 8.46 -36.99
CA CYS D 177 -16.94 7.26 -36.26
C CYS D 177 -15.88 6.20 -36.41
N ALA D 178 -15.44 5.61 -35.31
CA ALA D 178 -14.41 4.58 -35.38
C ALA D 178 -14.71 3.47 -34.38
N GLY D 179 -14.38 2.24 -34.77
CA GLY D 179 -14.60 1.10 -33.90
C GLY D 179 -13.46 0.13 -34.09
N GLU D 180 -13.48 -0.99 -33.38
CA GLU D 180 -12.43 -2.00 -33.50
C GLU D 180 -13.06 -3.38 -33.59
N MET D 181 -12.47 -4.29 -34.35
CA MET D 181 -13.08 -5.63 -34.47
C MET D 181 -12.21 -6.78 -34.99
N ASP D 182 -11.09 -7.07 -34.35
CA ASP D 182 -10.30 -8.21 -34.82
C ASP D 182 -10.24 -9.32 -33.80
N GLY D 183 -11.39 -9.73 -33.27
CA GLY D 183 -11.36 -10.82 -32.30
C GLY D 183 -12.44 -10.83 -31.25
N GLY D 184 -12.04 -11.25 -30.05
CA GLY D 184 -12.97 -11.33 -28.94
C GLY D 184 -12.33 -10.78 -27.69
N SER D 185 -11.67 -9.64 -27.85
CA SER D 185 -11.01 -8.97 -26.74
C SER D 185 -10.93 -7.50 -27.14
N TYR D 186 -11.83 -6.68 -26.61
CA TYR D 186 -11.87 -5.25 -26.93
C TYR D 186 -11.44 -4.51 -25.68
N THR D 187 -10.48 -3.61 -25.78
CA THR D 187 -10.03 -2.90 -24.59
C THR D 187 -10.89 -1.72 -24.20
N CYS D 188 -11.08 -1.58 -22.89
CA CYS D 188 -11.88 -0.51 -22.33
C CYS D 188 -11.06 0.75 -22.13
N GLU D 189 -11.13 1.65 -23.11
CA GLU D 189 -10.42 2.92 -23.06
C GLU D 189 -11.23 4.01 -23.76
N HIS D 190 -11.39 5.15 -23.10
CA HIS D 190 -12.10 6.30 -23.69
C HIS D 190 -11.48 7.57 -23.12
N ASP D 191 -10.62 8.20 -23.92
CA ASP D 191 -9.89 9.39 -23.54
C ASP D 191 -10.47 10.70 -24.11
N SER D 192 -11.33 11.36 -23.33
CA SER D 192 -11.94 12.61 -23.78
C SER D 192 -10.91 13.66 -24.17
N GLY D 193 -10.91 14.06 -25.44
CA GLY D 193 -9.95 15.06 -25.90
C GLY D 193 -8.71 14.47 -26.51
N GLY D 194 -8.54 13.17 -26.38
CA GLY D 194 -7.38 12.50 -26.92
C GLY D 194 -7.43 12.43 -28.44
N PRO D 195 -6.29 12.17 -29.10
CA PRO D 195 -6.14 12.08 -30.56
C PRO D 195 -6.66 10.82 -31.23
N LEU D 196 -6.85 10.91 -32.55
CA LEU D 196 -7.24 9.77 -33.37
C LEU D 196 -6.34 10.00 -34.55
N ILE D 197 -5.24 9.28 -34.57
CA ILE D 197 -4.28 9.39 -35.64
C ILE D 197 -4.55 8.25 -36.62
N CYS D 198 -5.13 8.61 -37.75
CA CYS D 198 -5.48 7.67 -38.80
C CYS D 198 -4.45 7.70 -39.93
N ASP D 199 -4.16 6.52 -40.48
CA ASP D 199 -3.17 6.39 -41.53
C ASP D 199 -1.99 7.33 -41.27
N GLY D 200 -1.41 7.20 -40.08
CA GLY D 200 -0.27 8.01 -39.68
C GLY D 200 -0.42 9.52 -39.47
N ILE D 201 -1.59 10.06 -39.78
CA ILE D 201 -1.82 11.49 -39.63
C ILE D 201 -2.96 11.82 -38.67
N LEU D 202 -2.91 13.00 -38.05
CA LEU D 202 -3.96 13.40 -37.11
C LEU D 202 -5.24 13.58 -37.88
N GLN D 203 -6.36 13.14 -37.31
CA GLN D 203 -7.64 13.25 -38.00
C GLN D 203 -8.79 13.61 -37.07
N GLY D 204 -8.73 13.19 -35.82
CA GLY D 204 -9.82 13.50 -34.92
C GLY D 204 -9.52 13.70 -33.46
N ILE D 205 -10.57 14.06 -32.72
CA ILE D 205 -10.48 14.30 -31.29
C ILE D 205 -11.68 13.68 -30.58
N THR D 206 -11.41 12.72 -29.71
CA THR D 206 -12.45 12.03 -28.96
C THR D 206 -13.48 12.95 -28.34
N SER D 207 -14.74 12.78 -28.74
CA SER D 207 -15.85 13.59 -28.24
C SER D 207 -16.50 12.91 -27.04
N TRP D 208 -17.80 13.10 -26.87
CA TRP D 208 -18.50 12.48 -25.76
C TRP D 208 -18.64 10.99 -26.03
N GLY D 209 -18.46 10.22 -24.97
CA GLY D 209 -18.56 8.79 -25.06
C GLY D 209 -18.78 8.31 -23.65
N PRO D 210 -19.41 7.14 -23.46
CA PRO D 210 -19.66 6.60 -22.14
C PRO D 210 -18.33 6.28 -21.45
N GLU D 211 -18.23 6.50 -20.15
CA GLU D 211 -17.00 6.18 -19.47
C GLU D 211 -17.20 5.17 -18.37
N PRO D 212 -16.22 4.29 -18.15
CA PRO D 212 -14.93 4.16 -18.85
C PRO D 212 -15.05 3.72 -20.29
N CYS D 213 -16.04 2.88 -20.58
CA CYS D 213 -16.21 2.40 -21.95
C CYS D 213 -17.67 2.12 -22.32
N GLY D 214 -17.90 1.83 -23.60
CA GLY D 214 -19.24 1.57 -24.08
C GLY D 214 -19.57 0.10 -24.27
N GLU D 215 -20.76 -0.20 -24.81
CA GLU D 215 -21.19 -1.58 -25.04
C GLU D 215 -20.21 -2.26 -25.99
N PRO D 216 -19.68 -3.39 -25.59
CA PRO D 216 -18.71 -4.26 -26.26
C PRO D 216 -18.77 -4.56 -27.78
N THR D 217 -18.65 -3.55 -28.62
CA THR D 217 -18.67 -3.68 -30.10
C THR D 217 -19.09 -2.34 -30.68
N GLU D 218 -19.54 -1.49 -29.78
CA GLU D 218 -20.02 -0.16 -30.09
C GLU D 218 -18.91 0.79 -30.52
N PRO D 219 -19.19 1.64 -31.50
CA PRO D 219 -18.19 2.60 -31.97
C PRO D 219 -18.23 3.86 -31.11
N SER D 220 -17.16 4.64 -31.18
CA SER D 220 -17.08 5.89 -30.43
C SER D 220 -17.13 7.01 -31.48
N VAL D 221 -17.44 8.22 -31.04
CA VAL D 221 -17.51 9.34 -31.97
C VAL D 221 -16.43 10.35 -31.69
N TYR D 222 -15.63 10.65 -32.70
CA TYR D 222 -14.56 11.63 -32.57
C TYR D 222 -14.97 12.88 -33.37
N THR D 223 -14.34 14.02 -33.07
CA THR D 223 -14.62 15.27 -33.76
C THR D 223 -13.69 15.34 -34.96
N LYS D 224 -14.22 15.68 -36.12
CA LYS D 224 -13.39 15.74 -37.34
C LYS D 224 -12.51 16.98 -37.31
N LEU D 225 -11.23 16.82 -37.58
CA LEU D 225 -10.33 17.96 -37.54
C LEU D 225 -10.26 18.87 -38.78
N ILE D 226 -10.48 18.31 -39.97
CA ILE D 226 -10.40 19.14 -41.19
C ILE D 226 -11.48 20.21 -41.21
N LYS D 227 -12.71 19.79 -41.01
CA LYS D 227 -13.87 20.66 -41.00
C LYS D 227 -13.62 21.91 -40.15
N PHE D 228 -12.64 21.83 -39.26
CA PHE D 228 -12.34 22.95 -38.38
C PHE D 228 -10.95 23.59 -38.50
N SER D 229 -10.16 23.14 -39.49
CA SER D 229 -8.81 23.66 -39.71
C SER D 229 -8.70 25.19 -39.80
N SER D 230 -9.57 25.82 -40.58
CA SER D 230 -9.54 27.27 -40.69
C SER D 230 -9.58 27.89 -39.28
N TRP D 231 -10.55 27.46 -38.48
CA TRP D 231 -10.70 28.00 -37.12
C TRP D 231 -9.46 27.86 -36.26
N ILE D 232 -8.82 26.71 -36.36
CA ILE D 232 -7.62 26.47 -35.57
C ILE D 232 -6.50 27.42 -36.02
N ARG D 233 -6.07 27.26 -37.26
CA ARG D 233 -4.98 28.05 -37.85
C ARG D 233 -5.05 29.55 -37.66
N GLU D 234 -6.27 30.08 -37.54
CA GLU D 234 -6.45 31.51 -37.33
C GLU D 234 -6.33 31.83 -35.85
N THR D 235 -6.90 30.98 -35.00
CA THR D 235 -6.82 31.21 -33.58
C THR D 235 -5.42 30.90 -33.05
N MET D 236 -4.62 30.22 -33.88
CA MET D 236 -3.26 29.87 -33.53
C MET D 236 -2.32 31.01 -33.98
N ALA D 237 -2.76 31.74 -35.01
CA ALA D 237 -2.00 32.89 -35.53
C ALA D 237 -2.49 34.25 -35.03
N ASN D 238 -3.79 34.49 -35.14
CA ASN D 238 -4.42 35.75 -34.68
C ASN D 238 -4.53 35.80 -33.16
N HIS E 8 -4.64 -14.36 12.67
CA HIS E 8 -4.08 -13.06 13.12
C HIS E 8 -2.60 -12.74 12.76
N MET E 9 -1.71 -13.73 12.76
CA MET E 9 -0.27 -13.49 12.50
C MET E 9 0.30 -13.45 11.08
N GLY E 10 -0.51 -13.44 10.03
CA GLY E 10 0.12 -13.48 8.72
C GLY E 10 -0.07 -12.40 7.69
N GLU E 11 -0.71 -12.79 6.60
CA GLU E 11 -1.00 -11.89 5.50
C GLU E 11 -2.33 -11.20 5.63
N PHE E 12 -2.43 -10.02 5.05
CA PHE E 12 -3.69 -9.29 5.07
C PHE E 12 -3.82 -8.27 3.95
N SER E 13 -5.06 -7.90 3.69
CA SER E 13 -5.38 -6.92 2.66
C SER E 13 -4.95 -5.54 3.09
N VAL E 14 -4.53 -4.75 2.11
CA VAL E 14 -4.08 -3.38 2.35
C VAL E 14 -5.31 -2.53 2.71
N CYS E 15 -6.46 -2.90 2.16
CA CYS E 15 -7.75 -2.25 2.42
C CYS E 15 -8.75 -3.38 2.70
N ASP E 16 -9.55 -3.25 3.76
CA ASP E 16 -10.53 -4.27 4.10
C ASP E 16 -11.79 -4.28 3.24
N SER E 17 -12.33 -5.47 2.99
CA SER E 17 -13.52 -5.61 2.17
C SER E 17 -14.52 -6.63 2.70
N VAL E 18 -15.71 -6.65 2.12
CA VAL E 18 -16.74 -7.61 2.48
C VAL E 18 -17.46 -8.08 1.23
N SER E 19 -17.68 -9.37 1.12
CA SER E 19 -18.36 -9.91 -0.05
C SER E 19 -19.72 -10.49 0.31
N VAL E 20 -20.76 -10.01 -0.37
CA VAL E 20 -22.12 -10.48 -0.13
C VAL E 20 -22.85 -10.80 -1.42
N TRP E 21 -23.90 -11.61 -1.30
CA TRP E 21 -24.75 -11.96 -2.43
C TRP E 21 -25.96 -11.08 -2.25
N VAL E 22 -26.29 -10.31 -3.27
CA VAL E 22 -27.42 -9.40 -3.18
C VAL E 22 -28.63 -9.94 -3.96
N GLY E 23 -29.79 -9.97 -3.30
CA GLY E 23 -30.99 -10.47 -3.93
C GLY E 23 -32.19 -9.55 -3.72
N ASP E 24 -31.95 -8.37 -3.16
CA ASP E 24 -33.02 -7.41 -2.93
C ASP E 24 -32.73 -6.15 -3.73
N LYS E 25 -31.95 -6.30 -4.80
CA LYS E 25 -31.58 -5.16 -5.65
C LYS E 25 -32.73 -4.79 -6.58
N THR E 26 -33.11 -3.52 -6.55
CA THR E 26 -34.19 -3.00 -7.38
C THR E 26 -33.74 -1.96 -8.40
N THR E 27 -32.75 -1.16 -8.03
CA THR E 27 -32.25 -0.12 -8.94
C THR E 27 -30.76 -0.25 -9.25
N ALA E 28 -30.37 0.18 -10.45
CA ALA E 28 -28.99 0.14 -10.91
C ALA E 28 -28.74 1.25 -11.93
N THR E 29 -27.49 1.71 -12.03
CA THR E 29 -27.11 2.75 -12.97
C THR E 29 -26.33 2.00 -14.04
N ASP E 30 -26.92 1.79 -15.20
CA ASP E 30 -26.25 1.02 -16.26
C ASP E 30 -25.02 1.65 -16.91
N ILE E 31 -24.44 0.93 -17.85
CA ILE E 31 -23.26 1.42 -18.54
C ILE E 31 -23.47 2.72 -19.32
N LYS E 32 -24.70 3.00 -19.75
CA LYS E 32 -24.97 4.26 -20.47
C LYS E 32 -25.22 5.44 -19.52
N GLY E 33 -25.13 5.20 -18.23
CA GLY E 33 -25.31 6.26 -17.25
C GLY E 33 -26.75 6.52 -16.86
N LYS E 34 -27.64 5.67 -17.32
CA LYS E 34 -29.07 5.79 -17.08
C LYS E 34 -29.55 4.94 -15.90
N GLU E 35 -30.45 5.51 -15.09
CA GLU E 35 -31.02 4.81 -13.94
C GLU E 35 -31.95 3.73 -14.52
N VAL E 36 -31.90 2.51 -14.01
CA VAL E 36 -32.73 1.46 -14.57
C VAL E 36 -33.23 0.55 -13.43
N THR E 37 -34.35 -0.15 -13.65
CA THR E 37 -34.91 -1.03 -12.61
C THR E 37 -34.57 -2.48 -12.83
N VAL E 38 -34.02 -3.13 -11.80
CA VAL E 38 -33.62 -4.52 -11.91
C VAL E 38 -34.67 -5.49 -11.37
N LEU E 39 -35.11 -6.44 -12.20
CA LEU E 39 -36.09 -7.44 -11.78
C LEU E 39 -35.39 -8.60 -11.07
N ALA E 40 -36.13 -9.29 -10.20
CA ALA E 40 -35.57 -10.40 -9.42
C ALA E 40 -35.64 -11.78 -10.05
N GLU E 41 -36.52 -11.97 -11.02
CA GLU E 41 -36.63 -13.29 -11.63
C GLU E 41 -36.42 -13.22 -13.12
N VAL E 42 -35.71 -14.19 -13.67
CA VAL E 42 -35.47 -14.26 -15.10
C VAL E 42 -36.48 -15.23 -15.70
N ASN E 43 -36.60 -15.18 -17.02
CA ASN E 43 -37.48 -16.11 -17.73
C ASN E 43 -36.78 -16.48 -19.03
N ILE E 44 -36.10 -17.62 -18.99
CA ILE E 44 -35.37 -18.08 -20.16
C ILE E 44 -35.43 -19.62 -20.24
N ASN E 45 -35.85 -20.12 -21.40
CA ASN E 45 -35.98 -21.57 -21.66
C ASN E 45 -36.78 -22.37 -20.63
N ASN E 46 -38.03 -21.96 -20.44
CA ASN E 46 -38.97 -22.59 -19.49
C ASN E 46 -38.59 -22.58 -18.00
N SER E 47 -37.69 -21.70 -17.57
CA SER E 47 -37.34 -21.73 -16.15
C SER E 47 -37.16 -20.44 -15.36
N VAL E 48 -37.34 -20.58 -14.04
CA VAL E 48 -37.23 -19.49 -13.09
C VAL E 48 -35.97 -19.58 -12.21
N PHE E 49 -35.08 -18.61 -12.37
CA PHE E 49 -33.88 -18.49 -11.56
C PHE E 49 -33.84 -17.03 -11.12
N ARG E 50 -33.59 -16.80 -9.85
CA ARG E 50 -33.56 -15.45 -9.30
C ARG E 50 -32.24 -14.73 -9.50
N GLN E 51 -32.33 -13.43 -9.75
CA GLN E 51 -31.12 -12.64 -9.96
C GLN E 51 -30.35 -12.27 -8.69
N TYR E 52 -29.18 -12.88 -8.54
CA TYR E 52 -28.29 -12.63 -7.42
C TYR E 52 -27.00 -12.05 -7.99
N PHE E 53 -26.44 -11.03 -7.33
CA PHE E 53 -25.20 -10.39 -7.78
C PHE E 53 -24.16 -10.45 -6.67
N PHE E 54 -22.94 -10.82 -7.00
CA PHE E 54 -21.85 -10.93 -6.02
C PHE E 54 -21.18 -9.56 -5.92
N GLU E 55 -21.32 -8.91 -4.77
CA GLU E 55 -20.74 -7.59 -4.57
C GLU E 55 -19.66 -7.53 -3.49
N THR E 56 -18.66 -6.69 -3.70
CA THR E 56 -17.62 -6.52 -2.71
C THR E 56 -17.34 -5.04 -2.56
N LYS E 57 -17.53 -4.54 -1.35
CA LYS E 57 -17.34 -3.13 -1.06
C LYS E 57 -16.26 -2.98 -0.01
N CYS E 58 -15.91 -1.73 0.25
CA CYS E 58 -14.92 -1.41 1.26
C CYS E 58 -15.60 -1.38 2.62
N ARG E 59 -14.84 -1.71 3.66
CA ARG E 59 -15.37 -1.70 5.02
C ARG E 59 -15.20 -0.30 5.59
N ALA E 60 -14.16 0.39 5.14
CA ALA E 60 -13.86 1.74 5.59
C ALA E 60 -12.92 2.42 4.61
N SER E 61 -12.91 3.74 4.64
CA SER E 61 -12.04 4.52 3.76
C SER E 61 -10.67 4.58 4.42
N ASN E 62 -10.66 4.49 5.75
CA ASN E 62 -9.46 4.53 6.57
C ASN E 62 -9.44 3.33 7.48
N PRO E 63 -8.84 2.22 7.05
CA PRO E 63 -8.81 1.05 7.94
C PRO E 63 -7.94 1.44 9.15
N VAL E 64 -7.15 2.48 8.92
CA VAL E 64 -6.24 3.10 9.86
C VAL E 64 -6.30 4.56 9.44
N GLU E 65 -6.18 5.47 10.40
CA GLU E 65 -6.24 6.92 10.14
C GLU E 65 -5.39 7.41 8.98
N SER E 66 -4.16 6.91 8.91
CA SER E 66 -3.21 7.29 7.86
C SER E 66 -3.58 6.82 6.44
N GLY E 67 -4.74 6.18 6.31
CA GLY E 67 -5.16 5.68 5.00
C GLY E 67 -5.20 4.17 4.96
N CYS E 68 -4.62 3.60 3.90
CA CYS E 68 -4.57 2.14 3.73
C CYS E 68 -3.47 1.60 4.63
N ARG E 69 -3.46 0.30 4.90
CA ARG E 69 -2.45 -0.28 5.77
C ARG E 69 -1.09 -0.47 5.10
N GLY E 70 -0.04 -0.25 5.86
CA GLY E 70 1.31 -0.45 5.33
C GLY E 70 1.87 0.60 4.41
N ILE E 71 1.20 1.74 4.33
CA ILE E 71 1.66 2.80 3.46
C ILE E 71 2.54 3.76 4.25
N ASP E 72 3.50 4.39 3.57
CA ASP E 72 4.40 5.34 4.20
C ASP E 72 3.68 6.66 4.38
N SER E 73 2.91 6.78 5.45
CA SER E 73 2.13 7.97 5.75
C SER E 73 2.93 9.26 5.85
N LYS E 74 4.24 9.20 5.86
CA LYS E 74 5.03 10.42 5.96
C LYS E 74 5.53 10.80 4.57
N HIS E 75 5.05 10.10 3.57
CA HIS E 75 5.42 10.34 2.20
C HIS E 75 4.23 10.23 1.27
N TRP E 76 3.26 9.38 1.62
CA TRP E 76 2.11 9.18 0.76
C TRP E 76 0.76 9.43 1.42
N ASN E 77 -0.16 10.02 0.67
CA ASN E 77 -1.52 10.25 1.15
C ASN E 77 -2.24 9.05 0.59
N SER E 78 -3.10 8.41 1.38
CA SER E 78 -3.80 7.24 0.87
C SER E 78 -5.25 7.10 1.33
N TYR E 79 -6.06 6.46 0.50
CA TYR E 79 -7.46 6.22 0.82
C TYR E 79 -7.94 4.98 0.09
N CYS E 80 -8.91 4.28 0.69
CA CYS E 80 -9.47 3.09 0.07
C CYS E 80 -10.73 3.49 -0.66
N THR E 81 -10.92 2.96 -1.85
CA THR E 81 -12.09 3.27 -2.63
C THR E 81 -12.66 2.00 -3.26
N THR E 82 -13.97 2.01 -3.52
CA THR E 82 -14.63 0.85 -4.10
C THR E 82 -14.57 0.86 -5.62
N THR E 83 -14.12 -0.24 -6.21
CA THR E 83 -14.02 -0.41 -7.66
C THR E 83 -15.28 -1.13 -8.20
N HIS E 84 -15.73 -0.80 -9.41
CA HIS E 84 -16.93 -1.43 -9.98
C HIS E 84 -16.63 -2.31 -11.21
N THR E 85 -17.64 -3.05 -11.68
CA THR E 85 -17.50 -3.93 -12.86
C THR E 85 -18.86 -3.90 -13.54
N PHE E 86 -18.95 -4.47 -14.74
CA PHE E 86 -20.22 -4.48 -15.47
C PHE E 86 -20.73 -5.89 -15.66
N VAL E 87 -21.96 -6.15 -15.20
CA VAL E 87 -22.57 -7.48 -15.32
C VAL E 87 -23.87 -7.32 -16.09
N LYS E 88 -24.15 -8.25 -17.00
CA LYS E 88 -25.38 -8.19 -17.80
C LYS E 88 -26.56 -8.69 -16.97
N ALA E 89 -27.58 -7.87 -16.76
CA ALA E 89 -28.74 -8.25 -15.94
C ALA E 89 -30.08 -7.91 -16.58
N LEU E 90 -31.16 -8.54 -16.13
CA LEU E 90 -32.48 -8.25 -16.68
C LEU E 90 -32.95 -6.95 -16.07
N THR E 91 -33.34 -5.99 -16.90
CA THR E 91 -33.78 -4.69 -16.42
C THR E 91 -34.94 -4.07 -17.19
N THR E 92 -35.58 -3.10 -16.56
CA THR E 92 -36.69 -2.35 -17.14
C THR E 92 -36.30 -0.89 -17.14
N ASP E 93 -36.52 -0.26 -18.29
CA ASP E 93 -36.21 1.14 -18.57
C ASP E 93 -37.57 1.65 -19.09
N GLU E 94 -38.51 1.79 -18.14
CA GLU E 94 -39.91 2.19 -18.39
C GLU E 94 -40.37 2.26 -19.85
N LYS E 95 -40.79 1.10 -20.35
CA LYS E 95 -41.28 0.87 -21.71
C LYS E 95 -40.81 -0.52 -22.15
N GLN E 96 -39.53 -0.81 -21.97
CA GLN E 96 -38.96 -2.10 -22.36
C GLN E 96 -38.28 -2.90 -21.26
N ALA E 97 -38.18 -4.20 -21.51
CA ALA E 97 -37.56 -5.16 -20.61
C ALA E 97 -36.43 -5.77 -21.42
N ALA E 98 -35.19 -5.43 -21.05
CA ALA E 98 -34.05 -5.95 -21.79
C ALA E 98 -32.84 -6.25 -20.92
N TRP E 99 -31.94 -7.05 -21.47
CA TRP E 99 -30.69 -7.42 -20.80
C TRP E 99 -29.62 -6.33 -21.01
N ARG E 100 -29.42 -5.49 -20.01
CA ARG E 100 -28.46 -4.38 -20.06
C ARG E 100 -27.33 -4.51 -19.01
N PHE E 101 -26.16 -3.99 -19.35
CA PHE E 101 -25.03 -4.06 -18.44
C PHE E 101 -25.19 -3.05 -17.30
N ILE E 102 -25.25 -3.52 -16.05
CA ILE E 102 -25.37 -2.62 -14.92
C ILE E 102 -24.09 -2.54 -14.07
N ARG E 103 -23.88 -1.39 -13.43
CA ARG E 103 -22.72 -1.15 -12.58
C ARG E 103 -22.84 -1.80 -11.21
N ILE E 104 -21.95 -2.75 -10.94
CA ILE E 104 -21.91 -3.51 -9.70
C ILE E 104 -20.59 -3.29 -8.93
N ASP E 105 -20.66 -3.18 -7.60
CA ASP E 105 -19.46 -2.98 -6.75
C ASP E 105 -18.62 -4.26 -6.71
N THR E 106 -17.31 -4.20 -7.00
CA THR E 106 -16.50 -5.42 -6.99
C THR E 106 -15.22 -5.53 -6.17
N ALA E 107 -14.58 -4.42 -5.85
CA ALA E 107 -13.35 -4.52 -5.06
C ALA E 107 -13.05 -3.29 -4.24
N CYS E 108 -12.05 -3.39 -3.38
CA CYS E 108 -11.69 -2.26 -2.56
C CYS E 108 -10.21 -2.02 -2.77
N VAL E 109 -9.90 -1.05 -3.62
CA VAL E 109 -8.53 -0.75 -3.96
C VAL E 109 -8.04 0.49 -3.26
N CYS E 110 -6.71 0.61 -3.14
CA CYS E 110 -6.07 1.73 -2.46
C CYS E 110 -5.49 2.73 -3.45
N VAL E 111 -5.74 4.02 -3.22
CA VAL E 111 -5.24 5.07 -4.11
C VAL E 111 -4.21 5.93 -3.37
N LEU E 112 -3.22 6.41 -4.11
CA LEU E 112 -2.12 7.18 -3.56
C LEU E 112 -1.94 8.54 -4.22
N SER E 113 -1.44 9.48 -3.45
CA SER E 113 -1.10 10.81 -3.94
C SER E 113 0.14 11.17 -3.14
N ARG E 114 0.84 12.23 -3.54
CA ARG E 114 2.06 12.59 -2.86
C ARG E 114 1.85 13.72 -1.86
N LYS E 115 2.36 13.53 -0.66
CA LYS E 115 2.22 14.54 0.37
C LYS E 115 3.09 15.75 0.13
N ALA E 116 2.51 16.93 0.27
CA ALA E 116 3.25 18.16 0.07
C ALA E 116 3.93 18.57 1.38
N THR E 117 3.70 17.84 2.47
CA THR E 117 4.30 18.17 3.76
C THR E 117 5.76 17.77 3.84
N ARG E 118 6.60 18.72 4.24
CA ARG E 118 8.03 18.50 4.31
C ARG E 118 8.60 18.03 5.62
N ILE F 1 17.31 22.15 2.21
CA ILE F 1 17.31 23.52 1.63
C ILE F 1 17.98 23.48 0.26
N VAL F 2 17.23 23.78 -0.81
CA VAL F 2 17.86 23.76 -2.13
C VAL F 2 18.28 25.16 -2.57
N GLY F 3 19.48 25.25 -3.13
CA GLY F 3 20.00 26.52 -3.61
C GLY F 3 20.42 27.49 -2.54
N GLY F 4 20.91 26.97 -1.42
CA GLY F 4 21.33 27.84 -0.33
C GLY F 4 22.81 27.81 -0.02
N PHE F 5 23.18 28.44 1.09
CA PHE F 5 24.57 28.50 1.51
C PHE F 5 24.64 27.92 2.90
N LYS F 6 25.83 27.51 3.32
CA LYS F 6 25.98 26.98 4.67
C LYS F 6 25.86 28.13 5.66
N CYS F 7 25.12 27.93 6.74
CA CYS F 7 24.95 29.00 7.72
C CYS F 7 26.23 29.20 8.53
N GLU F 8 26.52 30.44 8.93
CA GLU F 8 27.74 30.75 9.70
C GLU F 8 27.77 29.96 11.01
N LYS F 9 28.98 29.59 11.43
CA LYS F 9 29.16 28.74 12.62
C LYS F 9 28.10 28.73 13.70
N ASN F 10 27.73 29.87 14.27
CA ASN F 10 26.66 29.82 15.27
C ASN F 10 25.69 30.95 15.09
N SER F 11 25.15 31.04 13.88
CA SER F 11 24.22 32.08 13.51
C SER F 11 22.75 31.80 13.84
N GLN F 12 22.34 30.53 13.85
CA GLN F 12 20.94 30.23 14.14
C GLN F 12 20.82 29.38 15.40
N PRO F 13 20.91 29.98 16.59
CA PRO F 13 20.80 29.22 17.84
C PRO F 13 19.37 28.77 18.15
N TRP F 14 18.39 29.42 17.53
CA TRP F 14 17.00 29.05 17.74
C TRP F 14 16.69 27.78 16.97
N HIS F 15 17.60 27.38 16.08
CA HIS F 15 17.38 26.18 15.30
C HIS F 15 17.55 24.92 16.14
N VAL F 16 16.56 24.05 16.01
CA VAL F 16 16.48 22.82 16.74
C VAL F 16 16.30 21.66 15.77
N ALA F 17 16.87 20.52 16.10
CA ALA F 17 16.73 19.36 15.28
C ALA F 17 15.89 18.43 16.14
N VAL F 18 14.66 18.15 15.70
CA VAL F 18 13.78 17.27 16.46
C VAL F 18 14.00 15.84 16.00
N TYR F 19 14.35 14.96 16.95
CA TYR F 19 14.57 13.56 16.65
C TYR F 19 13.46 12.71 17.26
N ARG F 20 13.38 11.47 16.81
CA ARG F 20 12.41 10.50 17.30
C ARG F 20 13.36 9.35 17.61
N TYR F 21 13.75 9.27 18.88
CA TYR F 21 14.71 8.28 19.37
C TYR F 21 16.06 8.48 18.70
N THR F 22 16.36 7.72 17.67
CA THR F 22 17.64 7.86 17.02
C THR F 22 17.57 8.45 15.59
N GLN F 23 16.36 8.61 15.07
CA GLN F 23 16.15 9.09 13.72
C GLN F 23 15.68 10.54 13.63
N TYR F 24 16.23 11.27 12.66
CA TYR F 24 15.88 12.67 12.41
C TYR F 24 14.41 12.75 12.01
N LEU F 25 13.73 13.79 12.45
CA LEU F 25 12.31 13.93 12.17
C LEU F 25 11.92 15.27 11.55
N CYS F 26 12.40 16.37 12.14
CA CYS F 26 12.08 17.71 11.64
C CYS F 26 12.97 18.76 12.28
N GLY F 27 12.76 20.02 11.89
CA GLY F 27 13.50 21.11 12.48
C GLY F 27 12.56 21.86 13.40
N GLY F 28 13.05 22.91 14.06
CA GLY F 28 12.22 23.69 14.96
C GLY F 28 12.91 24.89 15.54
N VAL F 29 12.15 25.77 16.17
CA VAL F 29 12.70 26.98 16.78
C VAL F 29 12.56 26.91 18.29
N LEU F 30 13.53 27.46 19.02
CA LEU F 30 13.50 27.48 20.48
C LEU F 30 12.88 28.80 20.94
N LEU F 31 11.75 28.72 21.62
CA LEU F 31 11.07 29.93 22.08
C LEU F 31 11.40 30.33 23.51
N ASP F 32 11.51 29.34 24.38
CA ASP F 32 11.71 29.53 25.80
C ASP F 32 12.60 28.39 26.25
N PRO F 33 13.36 28.55 27.35
CA PRO F 33 14.21 27.44 27.81
C PRO F 33 13.46 26.11 27.91
N ASN F 34 12.20 26.19 28.30
CA ASN F 34 11.34 25.00 28.44
C ASN F 34 10.58 24.66 27.16
N TRP F 35 10.48 25.61 26.23
CA TRP F 35 9.69 25.40 25.02
C TRP F 35 10.33 25.43 23.65
N VAL F 36 9.90 24.50 22.81
CA VAL F 36 10.36 24.39 21.44
C VAL F 36 9.11 24.36 20.56
N LEU F 37 9.20 24.96 19.37
CA LEU F 37 8.07 25.00 18.45
C LEU F 37 8.46 24.34 17.14
N THR F 38 7.60 23.47 16.63
CA THR F 38 7.88 22.78 15.38
C THR F 38 6.56 22.69 14.62
N ALA F 39 6.47 21.83 13.61
CA ALA F 39 5.25 21.73 12.83
C ALA F 39 4.41 20.53 13.25
N ALA F 40 3.09 20.72 13.26
CA ALA F 40 2.17 19.66 13.66
C ALA F 40 2.38 18.34 12.95
N HIS F 41 2.74 18.37 11.67
CA HIS F 41 2.91 17.11 10.95
C HIS F 41 4.14 16.28 11.30
N CYS F 42 4.88 16.68 12.33
CA CYS F 42 6.07 15.93 12.75
C CYS F 42 5.68 15.03 13.92
N TYR F 43 4.37 14.97 14.15
CA TYR F 43 3.78 14.20 15.24
C TYR F 43 4.13 12.70 15.21
N ASP F 44 4.91 12.28 16.20
CA ASP F 44 5.30 10.89 16.36
C ASP F 44 5.17 10.62 17.86
N ASP F 45 5.59 9.45 18.32
CA ASP F 45 5.47 9.12 19.74
C ASP F 45 6.66 9.41 20.66
N ASN F 46 7.61 10.21 20.20
CA ASN F 46 8.75 10.56 21.05
C ASN F 46 9.55 11.65 20.38
N TYR F 47 10.02 12.63 21.15
CA TYR F 47 10.78 13.72 20.59
C TYR F 47 12.02 14.00 21.42
N LYS F 48 13.18 13.88 20.80
CA LYS F 48 14.40 14.25 21.48
C LYS F 48 14.69 15.57 20.78
N VAL F 49 15.48 16.43 21.40
CA VAL F 49 15.78 17.71 20.78
C VAL F 49 17.26 17.96 20.94
N TRP F 50 17.93 18.26 19.83
CA TRP F 50 19.36 18.54 19.86
C TRP F 50 19.51 20.06 19.72
N LEU F 51 19.99 20.72 20.78
CA LEU F 51 20.13 22.17 20.76
C LEU F 51 21.52 22.72 20.45
N GLY F 52 21.55 23.75 19.61
CA GLY F 52 22.81 24.38 19.24
C GLY F 52 23.75 23.56 18.38
N LYS F 53 23.23 22.99 17.30
CA LYS F 53 24.07 22.17 16.43
C LYS F 53 24.24 22.79 15.05
N ASN F 54 25.35 22.45 14.40
CA ASN F 54 25.64 22.93 13.06
C ASN F 54 25.89 21.76 12.10
N ASN F 55 26.69 20.80 12.52
CA ASN F 55 26.97 19.63 11.70
C ASN F 55 26.57 18.47 12.58
N LEU F 56 25.53 17.75 12.18
CA LEU F 56 25.03 16.62 12.96
C LEU F 56 26.01 15.49 13.21
N PHE F 57 27.14 15.46 12.51
CA PHE F 57 28.11 14.38 12.68
C PHE F 57 29.48 14.80 13.25
N LYS F 58 29.50 15.92 13.96
CA LYS F 58 30.72 16.42 14.56
C LYS F 58 30.62 16.63 16.07
N ASP F 59 31.78 16.83 16.70
CA ASP F 59 31.85 17.07 18.13
C ASP F 59 31.62 18.53 18.43
N GLU F 60 30.49 18.84 19.06
CA GLU F 60 30.16 20.21 19.41
C GLU F 60 29.73 20.24 20.87
N PRO F 61 30.65 20.62 21.76
CA PRO F 61 30.42 20.71 23.21
C PRO F 61 29.45 21.84 23.52
N SER F 62 29.39 22.78 22.61
CA SER F 62 28.51 23.94 22.71
C SER F 62 27.07 23.45 22.76
N ALA F 63 26.85 22.29 22.14
CA ALA F 63 25.54 21.69 22.05
C ALA F 63 25.03 21.10 23.33
N GLN F 64 23.71 20.99 23.39
CA GLN F 64 23.00 20.42 24.51
C GLN F 64 22.06 19.43 23.84
N HIS F 65 21.41 18.59 24.63
CA HIS F 65 20.49 17.62 24.08
C HIS F 65 19.50 17.34 25.19
N ARG F 66 18.22 17.55 24.92
CA ARG F 66 17.18 17.37 25.94
C ARG F 66 16.08 16.43 25.45
N PHE F 67 15.18 16.10 26.37
CA PHE F 67 14.06 15.23 26.05
C PHE F 67 12.82 16.09 26.09
N VAL F 68 11.69 15.49 25.78
CA VAL F 68 10.43 16.23 25.77
C VAL F 68 9.44 15.45 26.60
N SER F 69 8.69 16.15 27.44
CA SER F 69 7.71 15.48 28.28
C SER F 69 6.29 15.66 27.77
N LYS F 70 6.03 16.76 27.06
CA LYS F 70 4.70 17.03 26.52
C LYS F 70 4.70 17.57 25.10
N ALA F 71 3.64 17.25 24.37
CA ALA F 71 3.47 17.69 23.00
C ALA F 71 2.05 18.18 22.81
N ILE F 72 1.90 19.40 22.29
CA ILE F 72 0.57 19.97 22.07
C ILE F 72 0.42 20.55 20.68
N PRO F 73 -0.28 19.84 19.80
CA PRO F 73 -0.49 20.31 18.43
C PRO F 73 -1.76 21.14 18.36
N HIS F 74 -1.80 22.10 17.45
CA HIS F 74 -2.98 22.93 17.28
C HIS F 74 -4.12 22.03 16.82
N PRO F 75 -5.29 22.17 17.44
CA PRO F 75 -6.49 21.38 17.13
C PRO F 75 -7.01 21.50 15.70
N GLY F 76 -6.54 22.52 14.97
CA GLY F 76 -6.98 22.70 13.60
C GLY F 76 -6.33 21.76 12.61
N PHE F 77 -5.25 21.10 12.99
CA PHE F 77 -4.61 20.20 12.05
C PHE F 77 -5.34 18.89 12.00
N ASN F 78 -5.78 18.54 10.79
CA ASN F 78 -6.48 17.30 10.49
C ASN F 78 -5.43 16.19 10.61
N MET F 79 -5.48 15.40 11.67
CA MET F 79 -4.50 14.33 11.89
C MET F 79 -4.74 13.04 11.10
N SER F 80 -5.55 13.14 10.04
CA SER F 80 -5.82 12.02 9.14
C SER F 80 -4.75 12.22 8.09
N LEU F 81 -4.40 13.49 7.94
CA LEU F 81 -3.38 13.89 7.02
C LEU F 81 -2.07 13.25 7.45
N MET F 82 -1.58 13.60 8.64
CA MET F 82 -0.33 12.97 9.06
C MET F 82 -0.49 11.94 10.18
N PHE F 88 -8.83 12.49 -4.64
CA PHE F 88 -8.76 13.82 -3.97
C PHE F 88 -7.32 14.32 -3.83
N LEU F 89 -7.08 15.55 -4.27
CA LEU F 89 -5.74 16.16 -4.18
C LEU F 89 -5.76 17.50 -3.45
N GLU F 90 -6.94 18.00 -3.14
CA GLU F 90 -7.06 19.29 -2.48
C GLU F 90 -7.09 19.26 -0.95
N TYR F 91 -5.94 18.99 -0.33
CA TYR F 91 -5.85 18.94 1.12
C TYR F 91 -5.68 20.30 1.76
N ASP F 92 -6.07 20.43 3.03
CA ASP F 92 -5.93 21.68 3.76
C ASP F 92 -5.04 21.49 4.97
N TYR F 93 -3.77 21.87 4.84
CA TYR F 93 -2.79 21.73 5.91
C TYR F 93 -2.76 23.06 6.65
N SER F 94 -3.93 23.56 7.03
CA SER F 94 -4.03 24.86 7.69
C SER F 94 -3.23 25.15 8.96
N ASN F 95 -3.79 24.78 10.10
CA ASN F 95 -3.13 25.08 11.36
C ASN F 95 -2.01 24.12 11.68
N ASP F 96 -0.96 24.15 10.85
CA ASP F 96 0.22 23.29 11.01
C ASP F 96 1.13 23.92 12.04
N LEU F 97 1.02 23.45 13.28
CA LEU F 97 1.78 24.06 14.37
C LEU F 97 1.80 23.14 15.59
N MET F 98 2.89 23.10 16.32
CA MET F 98 2.96 22.24 17.50
C MET F 98 3.96 22.71 18.55
N LEU F 99 3.50 22.84 19.79
CA LEU F 99 4.37 23.24 20.89
C LEU F 99 4.93 21.96 21.45
N LEU F 100 6.19 22.00 21.88
CA LEU F 100 6.85 20.81 22.41
C LEU F 100 7.55 21.22 23.69
N ARG F 101 7.09 20.70 24.83
CA ARG F 101 7.69 21.05 26.12
C ARG F 101 8.85 20.17 26.54
N LEU F 102 10.01 20.79 26.64
CA LEU F 102 11.21 20.08 27.04
C LEU F 102 11.07 19.63 28.48
N SER F 103 11.90 18.64 28.84
CA SER F 103 11.96 18.10 30.19
C SER F 103 12.71 19.13 31.05
N LYS F 104 14.03 18.96 31.23
CA LYS F 104 14.78 19.95 31.99
C LYS F 104 15.02 21.08 31.01
N PRO F 105 14.98 22.34 31.47
CA PRO F 105 15.18 23.54 30.64
C PRO F 105 16.52 23.64 29.92
N ALA F 106 16.56 24.47 28.89
CA ALA F 106 17.77 24.67 28.09
C ALA F 106 18.73 25.63 28.78
N ASP F 107 20.01 25.31 28.69
CA ASP F 107 21.03 26.12 29.29
C ASP F 107 21.34 27.24 28.31
N ILE F 108 20.53 28.29 28.34
CA ILE F 108 20.70 29.45 27.46
C ILE F 108 22.13 29.98 27.49
N THR F 109 22.87 29.76 26.40
CA THR F 109 24.24 30.22 26.28
C THR F 109 24.40 31.04 24.99
N ASP F 110 25.63 31.20 24.51
CA ASP F 110 25.85 31.99 23.28
C ASP F 110 25.28 31.25 22.06
N THR F 111 25.44 29.94 22.12
CA THR F 111 25.07 29.03 21.07
C THR F 111 23.67 28.42 21.18
N VAL F 112 22.90 28.89 22.16
CA VAL F 112 21.54 28.42 22.37
C VAL F 112 20.73 29.60 22.90
N LYS F 113 20.15 30.37 21.99
CA LYS F 113 19.37 31.55 22.34
C LYS F 113 17.96 31.46 21.77
N PRO F 114 16.95 31.89 22.54
CA PRO F 114 15.56 31.85 22.08
C PRO F 114 15.27 32.95 21.06
N ILE F 115 14.28 32.73 20.20
CA ILE F 115 13.91 33.77 19.24
C ILE F 115 12.51 34.27 19.61
N THR F 116 12.29 35.56 19.39
CA THR F 116 11.03 36.25 19.72
C THR F 116 9.85 36.13 18.74
N LEU F 117 8.66 35.92 19.29
CA LEU F 117 7.42 35.78 18.52
C LEU F 117 7.06 37.05 17.76
N PRO F 118 6.17 36.96 16.76
CA PRO F 118 5.77 38.14 15.99
C PRO F 118 4.59 38.93 16.56
N THR F 119 4.63 40.23 16.30
CA THR F 119 3.61 41.19 16.72
C THR F 119 3.44 42.06 15.47
N GLU F 120 3.68 41.45 14.31
CA GLU F 120 3.66 42.18 13.06
C GLU F 120 3.11 41.36 11.91
N GLU F 121 2.46 42.02 10.98
CA GLU F 121 1.94 41.38 9.77
C GLU F 121 3.14 41.62 8.85
N PRO F 122 3.73 40.54 8.31
CA PRO F 122 4.89 40.72 7.43
C PRO F 122 4.57 41.43 6.12
N LYS F 123 5.54 42.15 5.59
CA LYS F 123 5.33 42.87 4.35
C LYS F 123 5.78 42.08 3.14
N LEU F 124 5.08 42.23 2.03
CA LEU F 124 5.42 41.54 0.80
C LEU F 124 6.71 42.12 0.24
N GLY F 125 7.50 41.29 -0.41
CA GLY F 125 8.76 41.76 -0.95
C GLY F 125 9.89 41.60 0.05
N SER F 126 9.54 41.38 1.31
CA SER F 126 10.53 41.21 2.36
C SER F 126 11.49 40.09 2.01
N THR F 127 12.72 40.19 2.50
CA THR F 127 13.70 39.14 2.25
C THR F 127 13.73 38.23 3.47
N CYS F 128 13.33 36.97 3.28
CA CYS F 128 13.26 35.99 4.33
C CYS F 128 14.37 34.94 4.35
N LEU F 129 14.62 34.37 5.52
CA LEU F 129 15.65 33.35 5.68
C LEU F 129 15.03 32.05 6.20
N ALA F 130 15.42 30.93 5.61
CA ALA F 130 14.92 29.62 6.00
C ALA F 130 16.13 28.75 6.14
N SER F 131 16.14 27.90 7.17
CA SER F 131 17.27 27.00 7.42
C SER F 131 16.81 25.56 7.72
N GLY F 132 17.73 24.61 7.70
CA GLY F 132 17.33 23.24 8.00
C GLY F 132 18.25 22.16 7.44
N TRP F 133 18.16 20.95 7.99
CA TRP F 133 18.99 19.83 7.54
C TRP F 133 18.31 18.96 6.48
N GLY F 134 17.32 19.55 5.80
CA GLY F 134 16.59 18.85 4.76
C GLY F 134 17.43 18.70 3.49
N SER F 135 16.87 18.07 2.46
CA SER F 135 17.61 17.83 1.23
C SER F 135 18.12 19.05 0.48
N ILE F 136 19.22 18.86 -0.28
CA ILE F 136 19.79 19.90 -1.12
C ILE F 136 19.43 19.59 -2.55
N THR F 137 18.98 18.36 -2.80
CA THR F 137 18.60 17.96 -4.15
C THR F 137 17.08 17.97 -4.17
N PRO F 138 16.49 18.53 -5.23
CA PRO F 138 15.06 18.68 -5.48
C PRO F 138 14.18 17.44 -5.41
N THR F 139 14.58 16.42 -6.15
CA THR F 139 13.81 15.20 -6.23
C THR F 139 14.28 14.14 -5.27
N LYS F 140 15.49 13.63 -5.47
CA LYS F 140 15.99 12.59 -4.59
C LYS F 140 16.12 13.24 -3.24
N PHE F 141 15.94 12.51 -2.16
CA PHE F 141 16.05 13.13 -0.86
C PHE F 141 17.39 12.90 -0.19
N GLN F 142 18.30 13.84 -0.43
CA GLN F 142 19.66 13.82 0.09
C GLN F 142 19.83 14.84 1.22
N PHE F 143 19.51 14.45 2.45
CA PHE F 143 19.61 15.35 3.61
C PHE F 143 21.04 15.83 3.86
N THR F 144 21.17 16.98 4.52
CA THR F 144 22.50 17.55 4.80
C THR F 144 23.02 17.38 6.23
N ASP F 145 24.33 17.28 6.37
CA ASP F 145 24.96 17.14 7.68
C ASP F 145 25.07 18.55 8.26
N ASP F 146 25.41 19.50 7.39
CA ASP F 146 25.55 20.90 7.78
C ASP F 146 24.21 21.61 7.68
N LEU F 147 24.01 22.62 8.52
CA LEU F 147 22.78 23.38 8.53
C LEU F 147 22.84 24.40 7.38
N TYR F 148 21.91 24.31 6.43
CA TYR F 148 21.89 25.26 5.30
C TYR F 148 20.90 26.40 5.50
N CYS F 149 21.20 27.54 4.88
CA CYS F 149 20.38 28.74 4.94
C CYS F 149 20.06 29.16 3.51
N VAL F 150 18.96 29.86 3.32
CA VAL F 150 18.64 30.35 1.98
C VAL F 150 17.82 31.62 2.12
N ASN F 151 17.94 32.52 1.15
CA ASN F 151 17.20 33.77 1.19
C ASN F 151 16.05 33.70 0.19
N LEU F 152 14.82 33.76 0.68
CA LEU F 152 13.63 33.72 -0.18
C LEU F 152 12.94 35.07 -0.17
N LYS F 153 11.98 35.25 -1.06
CA LYS F 153 11.24 36.50 -1.15
C LYS F 153 9.78 36.24 -0.75
N LEU F 154 9.20 37.10 0.08
CA LEU F 154 7.80 36.89 0.50
C LEU F 154 6.80 37.33 -0.56
N LEU F 155 6.25 36.36 -1.28
CA LEU F 155 5.27 36.61 -2.33
C LEU F 155 3.85 36.63 -1.78
N PRO F 156 2.90 37.17 -2.57
CA PRO F 156 1.49 37.22 -2.15
C PRO F 156 0.86 35.84 -2.25
N ASN F 157 -0.03 35.53 -1.32
CA ASN F 157 -0.69 34.22 -1.29
C ASN F 157 -1.31 33.72 -2.60
N GLU F 158 -1.52 34.62 -3.55
CA GLU F 158 -2.13 34.25 -4.83
C GLU F 158 -1.19 33.47 -5.73
N ASP F 159 0.10 33.72 -5.61
CA ASP F 159 1.10 33.02 -6.41
C ASP F 159 1.07 31.54 -6.09
N CYS F 160 0.85 31.24 -4.82
CA CYS F 160 0.79 29.88 -4.33
C CYS F 160 -0.46 29.15 -4.78
N ALA F 161 -1.60 29.79 -4.61
CA ALA F 161 -2.91 29.22 -4.95
C ALA F 161 -3.04 28.91 -6.43
N LYS F 162 -2.31 29.69 -7.21
CA LYS F 162 -2.29 29.58 -8.66
C LYS F 162 -1.59 28.29 -9.09
N ALA F 163 -0.43 28.05 -8.46
CA ALA F 163 0.43 26.91 -8.75
C ALA F 163 0.20 25.60 -8.01
N HIS F 164 -0.34 25.66 -6.79
CA HIS F 164 -0.58 24.45 -6.01
C HIS F 164 -2.04 24.00 -6.05
N ILE F 165 -2.25 22.70 -6.08
CA ILE F 165 -3.59 22.14 -6.13
C ILE F 165 -4.18 22.07 -4.71
N GLU F 166 -3.32 22.21 -3.72
CA GLU F 166 -3.73 22.17 -2.31
C GLU F 166 -4.08 23.57 -1.80
N LYS F 167 -4.99 23.62 -0.83
CA LYS F 167 -5.46 24.88 -0.23
C LYS F 167 -4.46 25.88 0.31
N VAL F 168 -4.59 27.13 -0.12
CA VAL F 168 -3.75 28.22 0.38
C VAL F 168 -4.74 29.12 1.13
N THR F 169 -4.64 29.13 2.47
CA THR F 169 -5.54 29.88 3.34
C THR F 169 -4.87 31.02 4.08
N ASP F 170 -5.67 31.76 4.84
CA ASP F 170 -5.15 32.90 5.60
C ASP F 170 -4.30 32.53 6.82
N ALA F 171 -3.84 31.28 6.88
CA ALA F 171 -2.99 30.85 7.97
C ALA F 171 -1.67 30.45 7.33
N MET F 172 -1.56 30.72 6.03
CA MET F 172 -0.37 30.36 5.25
C MET F 172 0.36 31.56 4.64
N LEU F 173 1.68 31.46 4.64
CA LEU F 173 2.56 32.49 4.13
C LEU F 173 3.18 31.89 2.88
N CYS F 174 3.18 32.62 1.78
CA CYS F 174 3.77 32.12 0.54
C CYS F 174 5.13 32.79 0.37
N ALA F 175 6.18 31.98 0.17
CA ALA F 175 7.53 32.53 0.00
C ALA F 175 8.35 31.68 -0.97
N GLY F 176 9.40 32.27 -1.55
CA GLY F 176 10.23 31.51 -2.46
C GLY F 176 10.84 32.39 -3.52
N GLU F 177 11.32 31.76 -4.59
CA GLU F 177 11.93 32.46 -5.72
C GLU F 177 11.09 32.03 -6.90
N MET F 178 10.90 32.92 -7.87
CA MET F 178 10.10 32.60 -9.04
C MET F 178 10.91 32.06 -10.22
N ASP F 179 12.18 32.45 -10.29
CA ASP F 179 13.07 31.97 -11.34
C ASP F 179 13.45 30.54 -11.01
N GLY F 180 13.15 30.15 -9.77
CA GLY F 180 13.43 28.80 -9.32
C GLY F 180 14.83 28.62 -8.78
N GLY F 181 15.12 27.42 -8.27
CA GLY F 181 16.45 27.15 -7.75
C GLY F 181 16.64 27.37 -6.27
N LYS F 182 15.66 27.98 -5.62
CA LYS F 182 15.75 28.24 -4.20
C LYS F 182 14.42 27.88 -3.54
N ASP F 183 14.46 27.06 -2.50
CA ASP F 183 13.24 26.64 -1.82
C ASP F 183 13.62 25.70 -0.67
N THR F 184 12.74 25.58 0.31
CA THR F 184 12.98 24.66 1.39
C THR F 184 12.56 23.34 0.77
N CYS F 185 12.87 22.22 1.38
CA CYS F 185 12.50 20.94 0.80
C CYS F 185 12.27 19.89 1.89
N LYS F 186 11.99 18.66 1.49
CA LYS F 186 11.74 17.60 2.46
C LYS F 186 12.75 17.51 3.58
N GLY F 187 12.26 17.64 4.80
CA GLY F 187 13.11 17.53 5.98
C GLY F 187 13.44 18.86 6.61
N ASP F 188 12.90 19.92 6.03
CA ASP F 188 13.14 21.24 6.57
C ASP F 188 12.01 21.71 7.45
N SER F 189 10.90 20.99 7.47
CA SER F 189 9.73 21.40 8.26
C SER F 189 9.96 21.71 9.72
N GLY F 190 9.19 22.66 10.24
CA GLY F 190 9.33 23.07 11.62
C GLY F 190 10.38 24.15 11.74
N GLY F 191 11.15 24.32 10.67
CA GLY F 191 12.18 25.32 10.64
C GLY F 191 11.60 26.70 10.48
N PRO F 192 12.37 27.74 10.83
CA PRO F 192 11.94 29.13 10.75
C PRO F 192 11.96 29.80 9.39
N LEU F 193 11.12 30.81 9.24
CA LEU F 193 11.07 31.64 8.05
C LEU F 193 11.21 33.01 8.69
N ILE F 194 12.45 33.45 8.87
CA ILE F 194 12.72 34.74 9.50
C ILE F 194 12.78 35.86 8.47
N CYS F 195 11.69 36.61 8.39
CA CYS F 195 11.59 37.71 7.45
C CYS F 195 11.92 39.06 8.10
N ASP F 196 12.89 39.75 7.52
CA ASP F 196 13.32 41.06 8.02
C ASP F 196 13.68 41.01 9.50
N GLY F 197 14.44 39.99 9.89
CA GLY F 197 14.88 39.85 11.26
C GLY F 197 13.87 39.32 12.25
N VAL F 198 12.61 39.25 11.83
CA VAL F 198 11.56 38.78 12.72
C VAL F 198 10.98 37.42 12.30
N LEU F 199 10.81 36.53 13.27
CA LEU F 199 10.24 35.21 13.01
C LEU F 199 8.79 35.39 12.57
N GLN F 200 8.46 35.02 11.35
CA GLN F 200 7.11 35.16 10.87
C GLN F 200 6.49 33.87 10.37
N GLY F 201 7.31 32.84 10.23
CA GLY F 201 6.77 31.57 9.75
C GLY F 201 7.56 30.30 10.07
N ILE F 202 6.89 29.17 9.85
CA ILE F 202 7.48 27.87 10.07
C ILE F 202 7.23 27.02 8.83
N THR F 203 8.29 26.47 8.27
CA THR F 203 8.20 25.68 7.06
C THR F 203 7.22 24.51 7.18
N SER F 204 6.18 24.52 6.34
CA SER F 204 5.15 23.49 6.34
C SER F 204 5.07 22.63 5.09
N TRP F 205 4.51 23.17 4.00
CA TRP F 205 4.41 22.37 2.78
C TRP F 205 4.93 23.04 1.52
N GLY F 206 4.93 22.29 0.41
CA GLY F 206 5.42 22.83 -0.85
C GLY F 206 5.31 21.80 -1.98
N HIS F 207 6.14 21.94 -3.02
CA HIS F 207 6.13 21.03 -4.18
C HIS F 207 7.43 20.23 -4.32
N THR F 208 7.30 18.99 -4.76
CA THR F 208 8.43 18.12 -5.02
C THR F 208 8.20 17.78 -6.49
N PRO F 209 9.18 18.04 -7.34
CA PRO F 209 10.52 18.56 -7.05
C PRO F 209 10.55 20.00 -6.52
N CYS F 210 11.41 20.20 -5.52
CA CYS F 210 11.59 21.50 -4.88
C CYS F 210 12.43 22.40 -5.76
N GLY F 211 12.19 23.71 -5.67
CA GLY F 211 12.97 24.66 -6.45
C GLY F 211 12.61 24.77 -7.93
N GLU F 212 11.34 24.52 -8.23
CA GLU F 212 10.87 24.60 -9.61
C GLU F 212 10.37 26.01 -9.86
N PRO F 213 10.48 26.53 -11.09
CA PRO F 213 10.03 27.87 -11.42
C PRO F 213 8.52 28.03 -11.21
N ASP F 214 8.09 29.18 -10.73
CA ASP F 214 6.67 29.44 -10.51
C ASP F 214 6.02 28.56 -9.43
N MET F 215 6.83 27.92 -8.60
CA MET F 215 6.30 27.06 -7.52
C MET F 215 6.92 27.38 -6.16
N PRO F 216 6.37 28.37 -5.44
CA PRO F 216 6.84 28.80 -4.12
C PRO F 216 6.47 27.84 -3.01
N GLY F 217 7.16 27.94 -1.90
CA GLY F 217 6.87 27.08 -0.77
C GLY F 217 5.80 27.74 0.07
N VAL F 218 5.15 26.97 0.95
CA VAL F 218 4.12 27.50 1.83
C VAL F 218 4.57 27.31 3.27
N TYR F 219 4.53 28.38 4.05
CA TYR F 219 4.95 28.36 5.45
C TYR F 219 3.77 28.77 6.37
N THR F 220 3.72 28.21 7.57
CA THR F 220 2.65 28.53 8.51
C THR F 220 2.80 29.97 9.00
N LYS F 221 1.73 30.77 8.92
CA LYS F 221 1.78 32.17 9.37
C LYS F 221 1.69 32.23 10.90
N LEU F 222 2.82 32.43 11.56
CA LEU F 222 2.86 32.47 13.02
C LEU F 222 2.17 33.60 13.77
N ASN F 223 1.86 34.71 13.11
CA ASN F 223 1.23 35.82 13.83
C ASN F 223 -0.28 35.71 13.96
N LYS F 224 -0.87 34.73 13.29
CA LYS F 224 -2.30 34.47 13.40
C LYS F 224 -2.48 33.41 14.49
N PHE F 225 -1.37 33.06 15.16
CA PHE F 225 -1.37 32.04 16.21
C PHE F 225 -0.69 32.47 17.53
N THR F 226 -0.10 33.66 17.53
CA THR F 226 0.60 34.19 18.70
C THR F 226 -0.18 34.08 20.02
N SER F 227 -1.48 33.89 19.91
CA SER F 227 -2.34 33.80 21.10
C SER F 227 -2.28 32.40 21.70
N TRP F 228 -2.56 31.41 20.87
CA TRP F 228 -2.54 30.02 21.28
C TRP F 228 -1.18 29.61 21.86
N ILE F 229 -0.11 30.28 21.45
CA ILE F 229 1.21 29.95 21.97
C ILE F 229 1.41 30.51 23.38
N LYS F 230 1.16 31.81 23.56
CA LYS F 230 1.35 32.45 24.86
C LYS F 230 0.39 31.92 25.93
N ASP F 231 -0.76 31.40 25.49
CA ASP F 231 -1.73 30.82 26.41
C ASP F 231 -1.15 29.49 26.85
N THR F 232 -1.01 28.61 25.87
CA THR F 232 -0.52 27.25 26.09
C THR F 232 0.86 27.13 26.73
N MET F 233 1.66 28.19 26.66
CA MET F 233 3.00 28.15 27.24
C MET F 233 3.00 28.28 28.76
N ALA F 234 2.15 29.16 29.28
CA ALA F 234 2.09 29.36 30.73
C ALA F 234 1.28 28.26 31.41
N LYS F 235 0.24 27.80 30.73
CA LYS F 235 -0.65 26.79 31.26
C LYS F 235 0.03 25.56 31.84
N ASN F 236 1.24 25.24 31.36
CA ASN F 236 1.96 24.05 31.83
C ASN F 236 0.96 22.90 31.77
N PRO F 237 0.45 22.58 30.56
CA PRO F 237 -0.52 21.53 30.26
C PRO F 237 -0.09 20.10 30.63
#